data_5RAQ
#
_entry.id   5RAQ
#
_cell.length_a   57.370
_cell.length_b   93.720
_cell.length_c   93.474
_cell.angle_alpha   90.000
_cell.angle_beta   108.110
_cell.angle_gamma   90.000
#
_symmetry.space_group_name_H-M   'P 1 21 1'
#
loop_
_entity.id
_entity.type
_entity.pdbx_description
1 polymer 'Lysine-specific demethylase 3B'
2 non-polymer 2-[4-(2-methoxyphenyl)piperazin-1-yl]ethanenitrile
3 non-polymer 'CHLORIDE ION'
4 non-polymer 'MANGANESE (II) ION'
5 water water
#
_entity_poly.entity_id   1
_entity_poly.type   'polypeptide(L)'
_entity_poly.pdbx_seq_one_letter_code
;MHHHHHHSSGVDLGTENLYFQSMTSHSWLCDGRLLCLHDPSNKNNWKIFRECWKQGQPVLVSGVHKKLKSELWKPEAFSQ
EFGDQDVDLVNCRNCAIISDVKVRDFWDGFEIICKRLRSEDGQPMVLKLKDWPPGEDFRDMMPTRFEDLMENLPLPEYTK
RDGRLNLASRLPSYFVRPDLGPKMYNAYGLITAEDRRVGTTNLHLDVSDAVNVMVYVGIPIGEGAHDEEVLKTIDEGDAD
EVTKERIHDHKEKPGALWHIYAAKDAEKIRELLRKVGEEQGQENPPDHDPIHDQSWYLDQTLRKRLYEEYGVQGWAIVQF
LGDAVFIPAGAPHQVHNLYSCIKVAEDFVSPEHVKHCFRLTQEFRHLSNTHT
;
_entity_poly.pdbx_strand_id   A,B
#
# COMPACT_ATOMS: atom_id res chain seq x y z
N SER A 22 42.98 -28.07 -3.18
CA SER A 22 42.11 -28.73 -4.20
C SER A 22 40.77 -27.99 -4.35
N MET A 23 40.39 -27.66 -5.59
N MET A 23 40.38 -27.63 -5.58
CA MET A 23 39.08 -27.08 -5.96
CA MET A 23 39.07 -26.98 -5.88
C MET A 23 37.97 -28.09 -5.65
C MET A 23 37.95 -28.03 -5.69
N THR A 24 37.00 -27.72 -4.80
CA THR A 24 35.87 -28.60 -4.40
C THR A 24 34.52 -27.98 -4.81
N SER A 25 33.50 -28.80 -4.97
CA SER A 25 32.14 -28.38 -5.37
C SER A 25 31.53 -27.47 -4.27
N HIS A 26 31.81 -27.72 -2.99
CA HIS A 26 31.11 -27.01 -1.89
C HIS A 26 31.79 -27.26 -0.55
N SER A 27 31.31 -26.56 0.50
CA SER A 27 31.69 -26.72 1.92
C SER A 27 30.48 -26.42 2.84
N TRP A 28 30.57 -26.80 4.12
CA TRP A 28 29.47 -26.73 5.12
C TRP A 28 29.83 -25.76 6.26
N LEU A 29 29.11 -24.63 6.36
CA LEU A 29 29.36 -23.57 7.38
C LEU A 29 28.27 -23.60 8.46
N CYS A 30 28.42 -22.73 9.46
CA CYS A 30 27.53 -22.59 10.65
C CYS A 30 27.34 -23.97 11.31
N ASP A 31 28.46 -24.66 11.57
CA ASP A 31 28.51 -26.04 12.15
C ASP A 31 27.67 -26.97 11.26
N GLY A 32 27.95 -26.91 9.96
CA GLY A 32 27.20 -27.63 8.91
C GLY A 32 25.76 -27.16 8.79
N ARG A 33 25.41 -25.96 9.29
CA ARG A 33 24.01 -25.49 9.01
C ARG A 33 23.89 -24.68 7.70
N LEU A 34 24.99 -24.30 7.04
CA LEU A 34 24.93 -23.41 5.83
C LEU A 34 25.72 -24.03 4.67
N LEU A 35 25.06 -24.36 3.56
CA LEU A 35 25.74 -24.75 2.30
C LEU A 35 26.50 -23.56 1.70
N CYS A 36 27.77 -23.79 1.31
CA CYS A 36 28.58 -22.83 0.52
C CYS A 36 29.04 -23.49 -0.79
N LEU A 37 28.40 -23.14 -1.91
CA LEU A 37 28.78 -23.61 -3.27
C LEU A 37 29.99 -22.78 -3.74
N HIS A 38 30.96 -23.37 -4.42
CA HIS A 38 32.24 -22.68 -4.77
C HIS A 38 32.35 -22.36 -6.27
N ASP A 39 31.53 -22.96 -7.13
CA ASP A 39 31.54 -22.68 -8.60
C ASP A 39 30.18 -22.13 -9.00
N PRO A 40 30.08 -20.80 -9.22
CA PRO A 40 28.77 -20.19 -9.48
C PRO A 40 28.07 -20.63 -10.78
N SER A 41 28.81 -21.18 -11.75
CA SER A 41 28.24 -21.58 -13.07
C SER A 41 28.21 -23.11 -13.21
N ASN A 42 28.41 -23.86 -12.14
CA ASN A 42 28.40 -25.34 -12.21
C ASN A 42 26.97 -25.84 -12.47
N LYS A 43 26.76 -26.52 -13.60
CA LYS A 43 25.41 -27.00 -14.03
C LYS A 43 24.84 -28.04 -13.05
N ASN A 44 25.60 -28.58 -12.09
CA ASN A 44 25.11 -29.62 -11.14
C ASN A 44 24.79 -28.98 -9.76
N ASN A 45 24.85 -27.65 -9.63
CA ASN A 45 24.65 -26.99 -8.30
C ASN A 45 23.25 -27.29 -7.77
N TRP A 46 22.24 -27.39 -8.65
CA TRP A 46 20.83 -27.58 -8.24
C TRP A 46 20.67 -28.82 -7.34
N LYS A 47 21.46 -29.87 -7.54
CA LYS A 47 21.30 -31.16 -6.83
C LYS A 47 21.57 -31.02 -5.32
N ILE A 48 22.60 -30.27 -4.94
CA ILE A 48 23.00 -29.97 -3.52
C ILE A 48 22.08 -28.87 -2.98
N PHE A 49 21.81 -27.86 -3.80
CA PHE A 49 21.04 -26.66 -3.42
C PHE A 49 19.62 -27.00 -2.95
N ARG A 50 18.91 -27.78 -3.77
N ARG A 50 18.90 -27.79 -3.76
CA ARG A 50 17.45 -28.01 -3.62
CA ARG A 50 17.44 -27.96 -3.59
C ARG A 50 17.14 -28.72 -2.28
C ARG A 50 17.14 -28.70 -2.27
N GLU A 51 18.04 -29.58 -1.82
CA GLU A 51 17.92 -30.32 -0.52
C GLU A 51 17.93 -29.36 0.68
N CYS A 52 18.84 -28.38 0.72
CA CYS A 52 18.97 -27.37 1.79
C CYS A 52 17.84 -26.33 1.65
N TRP A 53 17.51 -25.96 0.44
CA TRP A 53 16.50 -24.89 0.16
C TRP A 53 15.10 -25.35 0.60
N LYS A 54 14.78 -26.63 0.37
CA LYS A 54 13.44 -27.17 0.72
C LYS A 54 13.27 -27.11 2.25
N GLN A 55 14.34 -27.16 3.04
CA GLN A 55 14.29 -27.13 4.52
C GLN A 55 14.23 -25.68 5.05
N GLY A 56 14.20 -24.68 4.18
CA GLY A 56 14.06 -23.28 4.65
C GLY A 56 15.38 -22.66 5.07
N GLN A 57 16.52 -23.23 4.64
CA GLN A 57 17.84 -22.61 4.98
C GLN A 57 18.27 -21.61 3.93
N PRO A 58 19.03 -20.56 4.33
CA PRO A 58 19.76 -19.73 3.37
C PRO A 58 20.94 -20.54 2.82
N VAL A 59 21.49 -20.08 1.70
CA VAL A 59 22.63 -20.70 0.95
C VAL A 59 23.59 -19.57 0.50
N LEU A 60 24.89 -19.83 0.55
CA LEU A 60 25.94 -18.88 0.06
C LEU A 60 26.59 -19.46 -1.21
N VAL A 61 26.77 -18.64 -2.26
CA VAL A 61 27.58 -19.05 -3.45
C VAL A 61 28.74 -18.07 -3.61
N SER A 62 30.00 -18.54 -3.55
CA SER A 62 31.20 -17.66 -3.69
C SER A 62 31.65 -17.59 -5.16
N GLY A 63 32.39 -16.52 -5.53
CA GLY A 63 33.15 -16.46 -6.79
C GLY A 63 32.45 -15.71 -7.90
N VAL A 64 31.30 -15.05 -7.65
CA VAL A 64 30.51 -14.38 -8.71
C VAL A 64 31.31 -13.18 -9.28
N HIS A 65 32.14 -12.51 -8.48
CA HIS A 65 32.99 -11.34 -8.91
C HIS A 65 33.90 -11.75 -10.08
N LYS A 66 34.37 -12.99 -10.11
CA LYS A 66 35.29 -13.48 -11.19
C LYS A 66 34.53 -13.64 -12.52
N LYS A 67 33.20 -13.60 -12.53
CA LYS A 67 32.37 -13.76 -13.75
C LYS A 67 32.01 -12.38 -14.33
N LEU A 68 32.19 -11.32 -13.56
CA LEU A 68 31.66 -9.96 -13.84
C LEU A 68 32.75 -9.12 -14.53
N LYS A 69 32.34 -8.10 -15.26
CA LYS A 69 33.25 -7.06 -15.84
C LYS A 69 33.53 -6.03 -14.73
N SER A 70 34.68 -6.14 -14.07
CA SER A 70 34.96 -5.42 -12.81
C SER A 70 34.92 -3.89 -13.02
N GLU A 71 35.15 -3.38 -14.23
CA GLU A 71 35.17 -1.92 -14.52
C GLU A 71 33.74 -1.34 -14.44
N LEU A 72 32.70 -2.17 -14.59
CA LEU A 72 31.29 -1.71 -14.60
C LEU A 72 30.77 -1.47 -13.17
N TRP A 73 31.51 -1.88 -12.12
CA TRP A 73 30.97 -1.93 -10.73
C TRP A 73 31.81 -1.04 -9.79
N LYS A 74 32.52 -0.05 -10.29
CA LYS A 74 33.39 0.84 -9.47
C LYS A 74 32.63 2.10 -9.08
N PRO A 75 32.78 2.60 -7.84
CA PRO A 75 32.10 3.81 -7.43
C PRO A 75 32.40 5.08 -8.25
N GLU A 76 33.65 5.25 -8.70
CA GLU A 76 34.09 6.37 -9.60
C GLU A 76 33.27 6.37 -10.90
N ALA A 77 32.96 5.21 -11.50
CA ALA A 77 32.19 5.13 -12.76
C ALA A 77 30.73 5.58 -12.52
N PHE A 78 30.14 5.17 -11.39
CA PHE A 78 28.75 5.58 -11.00
C PHE A 78 28.71 7.11 -10.81
N SER A 79 29.69 7.69 -10.15
CA SER A 79 29.74 9.18 -9.98
C SER A 79 29.82 9.91 -11.33
N GLN A 80 30.74 9.50 -12.21
CA GLN A 80 30.99 10.14 -13.53
C GLN A 80 29.74 10.03 -14.39
N GLU A 81 29.10 8.86 -14.45
CA GLU A 81 27.98 8.63 -15.41
C GLU A 81 26.65 9.20 -14.90
N PHE A 82 26.41 9.23 -13.58
CA PHE A 82 25.05 9.49 -13.01
C PHE A 82 25.09 10.58 -11.95
N GLY A 83 26.24 11.23 -11.76
CA GLY A 83 26.50 12.15 -10.63
C GLY A 83 25.49 13.28 -10.47
N ASP A 84 24.82 13.72 -11.55
CA ASP A 84 23.93 14.91 -11.52
C ASP A 84 22.49 14.59 -11.09
N GLN A 85 22.13 13.32 -10.90
CA GLN A 85 20.77 12.93 -10.47
C GLN A 85 20.54 13.35 -9.03
N ASP A 86 19.31 13.75 -8.71
CA ASP A 86 18.82 14.12 -7.35
C ASP A 86 18.33 12.87 -6.59
N VAL A 87 18.63 12.78 -5.29
CA VAL A 87 18.40 11.56 -4.48
C VAL A 87 18.29 12.02 -3.04
N ASP A 88 17.75 11.15 -2.18
CA ASP A 88 17.83 11.29 -0.71
C ASP A 88 18.81 10.23 -0.17
N LEU A 89 19.40 10.54 0.98
CA LEU A 89 20.33 9.66 1.73
C LEU A 89 19.75 9.47 3.13
N VAL A 90 20.15 8.40 3.83
CA VAL A 90 19.82 8.21 5.27
C VAL A 90 21.08 8.23 6.11
N ASN A 91 21.07 8.94 7.23
CA ASN A 91 22.13 8.84 8.26
C ASN A 91 21.86 7.55 9.04
N CYS A 92 22.71 6.52 8.86
CA CYS A 92 22.47 5.18 9.45
C CYS A 92 22.48 5.25 10.99
N ARG A 93 23.19 6.20 11.60
CA ARG A 93 23.40 6.26 13.07
C ARG A 93 22.13 6.76 13.78
N ASN A 94 21.29 7.58 13.13
CA ASN A 94 20.09 8.17 13.78
C ASN A 94 18.83 8.08 12.92
N CYS A 95 18.88 7.56 11.67
CA CYS A 95 17.73 7.46 10.73
C CYS A 95 17.25 8.79 10.11
N ALA A 96 17.92 9.90 10.34
CA ALA A 96 17.60 11.21 9.71
C ALA A 96 17.77 11.09 8.19
N ILE A 97 16.86 11.72 7.45
CA ILE A 97 16.88 11.71 5.96
C ILE A 97 17.59 12.99 5.49
N ILE A 98 18.54 12.87 4.58
CA ILE A 98 19.21 14.05 3.97
C ILE A 98 18.58 14.19 2.60
N SER A 99 17.72 15.20 2.44
CA SER A 99 16.82 15.41 1.28
C SER A 99 17.48 16.11 0.09
N ASP A 100 17.20 15.60 -1.10
CA ASP A 100 17.37 16.31 -2.39
C ASP A 100 18.81 16.79 -2.52
N VAL A 101 19.76 15.87 -2.42
CA VAL A 101 21.19 16.15 -2.73
C VAL A 101 21.50 15.46 -4.05
N LYS A 102 22.71 15.66 -4.59
CA LYS A 102 23.19 15.05 -5.85
C LYS A 102 23.80 13.70 -5.54
N VAL A 103 23.66 12.75 -6.45
CA VAL A 103 24.19 11.38 -6.20
C VAL A 103 25.72 11.43 -6.13
N ARG A 104 26.40 12.39 -6.79
CA ARG A 104 27.88 12.45 -6.61
C ARG A 104 28.25 12.75 -5.14
N ASP A 105 27.41 13.42 -4.36
CA ASP A 105 27.73 13.81 -2.97
C ASP A 105 27.88 12.55 -2.09
N PHE A 106 27.13 11.49 -2.43
CA PHE A 106 27.31 10.12 -1.85
C PHE A 106 28.57 9.44 -2.40
N TRP A 107 28.69 9.27 -3.72
CA TRP A 107 29.74 8.40 -4.32
C TRP A 107 31.15 8.97 -4.04
N ASP A 108 31.33 10.29 -4.01
CA ASP A 108 32.69 10.89 -3.89
C ASP A 108 33.27 10.70 -2.48
N GLY A 109 32.43 10.43 -1.47
CA GLY A 109 32.87 10.05 -0.10
C GLY A 109 32.86 8.52 0.16
N PHE A 110 32.67 7.67 -0.84
CA PHE A 110 32.48 6.20 -0.63
C PHE A 110 33.68 5.58 0.10
N GLU A 111 34.90 5.96 -0.29
CA GLU A 111 36.22 5.46 0.22
C GLU A 111 37.03 6.56 0.90
N ILE A 112 36.88 7.84 0.53
CA ILE A 112 37.70 8.95 1.10
C ILE A 112 36.90 9.64 2.21
N ILE A 113 37.24 9.33 3.46
CA ILE A 113 36.42 9.75 4.61
C ILE A 113 36.36 11.28 4.69
N CYS A 114 37.46 12.02 4.38
CA CYS A 114 37.49 13.51 4.52
C CYS A 114 36.46 14.13 3.55
N LYS A 115 36.00 13.44 2.50
CA LYS A 115 35.01 14.00 1.53
C LYS A 115 33.55 13.69 1.86
N ARG A 116 33.24 13.08 3.01
CA ARG A 116 31.85 12.77 3.43
C ARG A 116 31.14 13.97 4.02
N LEU A 117 29.83 14.06 3.81
CA LEU A 117 28.94 15.05 4.49
C LEU A 117 29.05 14.86 6.00
N ARG A 118 29.05 15.98 6.76
CA ARG A 118 29.27 15.99 8.22
C ARG A 118 27.95 16.22 8.96
N SER A 119 27.81 15.56 10.11
CA SER A 119 26.72 15.80 11.08
C SER A 119 27.08 17.07 11.89
N GLU A 120 26.08 17.65 12.57
CA GLU A 120 26.21 18.76 13.56
C GLU A 120 27.51 18.60 14.36
N ASP A 121 27.69 17.43 14.98
CA ASP A 121 28.88 17.15 15.83
C ASP A 121 30.19 17.28 15.03
N GLY A 122 30.16 17.49 13.70
CA GLY A 122 31.36 17.61 12.85
C GLY A 122 32.01 16.28 12.49
N GLN A 123 31.35 15.15 12.79
CA GLN A 123 31.87 13.81 12.40
C GLN A 123 31.49 13.57 10.94
N PRO A 124 32.30 12.84 10.17
CA PRO A 124 31.80 12.34 8.88
C PRO A 124 30.68 11.30 9.08
N MET A 125 29.58 11.43 8.31
CA MET A 125 28.38 10.59 8.48
C MET A 125 28.59 9.20 7.84
N VAL A 126 27.95 8.18 8.42
CA VAL A 126 27.81 6.84 7.79
C VAL A 126 26.49 6.88 7.04
N LEU A 127 26.53 6.80 5.70
CA LEU A 127 25.35 7.12 4.89
C LEU A 127 24.96 5.90 4.04
N LYS A 128 23.67 5.81 3.77
CA LYS A 128 23.03 4.87 2.83
C LYS A 128 22.33 5.68 1.74
N LEU A 129 22.54 5.31 0.48
CA LEU A 129 21.84 5.90 -0.68
C LEU A 129 20.47 5.22 -0.81
N LYS A 130 19.38 5.98 -0.61
CA LYS A 130 17.97 5.48 -0.66
C LYS A 130 17.47 5.31 -2.10
N ASP A 131 16.91 4.14 -2.43
CA ASP A 131 16.06 3.89 -3.63
C ASP A 131 16.75 4.39 -4.90
N TRP A 132 17.94 3.87 -5.23
CA TRP A 132 18.69 4.30 -6.44
C TRP A 132 19.38 3.09 -7.07
N PRO A 133 19.22 2.86 -8.40
CA PRO A 133 18.20 3.51 -9.22
C PRO A 133 16.77 3.35 -8.69
N PRO A 134 15.89 4.35 -8.91
CA PRO A 134 14.60 4.35 -8.25
C PRO A 134 13.61 3.35 -8.89
N GLY A 135 12.71 2.83 -8.06
CA GLY A 135 11.63 1.90 -8.48
C GLY A 135 12.19 0.75 -9.27
N GLU A 136 11.71 0.56 -10.51
CA GLU A 136 12.10 -0.54 -11.43
C GLU A 136 13.00 -0.02 -12.55
N ASP A 137 13.67 1.11 -12.37
CA ASP A 137 14.40 1.76 -13.49
C ASP A 137 15.80 1.19 -13.67
N PHE A 138 16.25 0.16 -12.94
CA PHE A 138 17.66 -0.30 -13.05
C PHE A 138 17.96 -0.62 -14.52
N ARG A 139 17.09 -1.39 -15.18
CA ARG A 139 17.35 -1.88 -16.57
C ARG A 139 17.42 -0.70 -17.58
N ASP A 140 16.47 0.23 -17.49
CA ASP A 140 16.41 1.44 -18.37
C ASP A 140 17.70 2.27 -18.16
N MET A 141 18.11 2.51 -16.91
CA MET A 141 19.22 3.45 -16.60
C MET A 141 20.57 2.82 -16.94
N MET A 142 20.71 1.50 -16.77
CA MET A 142 22.03 0.81 -16.79
C MET A 142 21.94 -0.51 -17.56
N PRO A 143 21.66 -0.48 -18.88
CA PRO A 143 21.46 -1.72 -19.66
C PRO A 143 22.66 -2.67 -19.69
N THR A 144 23.89 -2.17 -19.68
CA THR A 144 25.09 -3.00 -19.74
C THR A 144 25.31 -3.73 -18.39
N ARG A 145 25.07 -3.04 -17.26
CA ARG A 145 25.17 -3.61 -15.88
C ARG A 145 24.11 -4.70 -15.70
N PHE A 146 22.89 -4.44 -16.14
CA PHE A 146 21.79 -5.42 -16.09
C PHE A 146 22.21 -6.71 -16.81
N GLU A 147 22.67 -6.63 -18.06
CA GLU A 147 23.14 -7.81 -18.83
C GLU A 147 24.24 -8.54 -18.06
N ASP A 148 25.26 -7.82 -17.58
CA ASP A 148 26.44 -8.42 -16.90
C ASP A 148 25.98 -9.21 -15.67
N LEU A 149 25.06 -8.65 -14.91
CA LEU A 149 24.59 -9.31 -13.64
C LEU A 149 23.70 -10.51 -13.98
N MET A 150 22.62 -10.30 -14.74
CA MET A 150 21.56 -11.31 -14.98
C MET A 150 22.13 -12.54 -15.71
N GLU A 151 23.15 -12.41 -16.56
CA GLU A 151 23.80 -13.53 -17.28
C GLU A 151 24.73 -14.33 -16.37
N ASN A 152 25.11 -13.79 -15.21
CA ASN A 152 26.07 -14.50 -14.32
C ASN A 152 25.44 -14.83 -12.96
N LEU A 153 24.12 -14.69 -12.78
CA LEU A 153 23.48 -15.08 -11.49
C LEU A 153 23.63 -16.61 -11.32
N PRO A 154 23.98 -17.10 -10.13
CA PRO A 154 23.97 -18.55 -9.85
C PRO A 154 22.54 -19.13 -9.78
N LEU A 155 22.39 -20.46 -9.85
CA LEU A 155 21.11 -21.20 -9.86
C LEU A 155 20.14 -20.55 -10.85
N PRO A 156 20.52 -20.45 -12.15
CA PRO A 156 19.75 -19.63 -13.11
C PRO A 156 18.31 -20.12 -13.36
N GLU A 157 17.97 -21.41 -13.18
CA GLU A 157 16.57 -21.89 -13.37
C GLU A 157 15.65 -21.30 -12.29
N TYR A 158 16.21 -21.00 -11.11
CA TYR A 158 15.51 -20.29 -10.00
C TYR A 158 15.57 -18.76 -10.19
N THR A 159 16.72 -18.19 -10.57
CA THR A 159 16.95 -16.73 -10.35
C THR A 159 16.64 -15.85 -11.61
N LYS A 160 16.67 -16.39 -12.82
CA LYS A 160 16.39 -15.63 -14.07
C LYS A 160 14.90 -15.32 -14.21
N ARG A 161 14.55 -14.17 -14.81
CA ARG A 161 13.14 -13.70 -14.88
C ARG A 161 12.25 -14.82 -15.44
N ASP A 162 12.76 -15.57 -16.40
CA ASP A 162 12.07 -16.64 -17.16
C ASP A 162 12.64 -18.04 -16.84
N GLY A 163 13.38 -18.23 -15.74
CA GLY A 163 13.87 -19.57 -15.39
C GLY A 163 12.71 -20.54 -15.18
N ARG A 164 12.93 -21.82 -15.42
CA ARG A 164 11.85 -22.85 -15.32
C ARG A 164 11.36 -23.00 -13.87
N LEU A 165 12.15 -22.67 -12.84
CA LEU A 165 11.72 -22.85 -11.43
C LEU A 165 11.50 -21.49 -10.77
N ASN A 166 11.30 -20.43 -11.57
CA ASN A 166 10.84 -19.12 -11.08
C ASN A 166 9.35 -18.97 -11.41
N LEU A 167 8.46 -18.96 -10.43
CA LEU A 167 7.02 -18.85 -10.74
C LEU A 167 6.57 -17.38 -10.84
N ALA A 168 7.46 -16.39 -10.74
CA ALA A 168 7.08 -14.96 -10.63
C ALA A 168 6.15 -14.57 -11.78
N SER A 169 6.45 -14.96 -13.02
CA SER A 169 5.69 -14.55 -14.23
C SER A 169 4.50 -15.49 -14.48
N ARG A 170 4.24 -16.45 -13.60
CA ARG A 170 3.29 -17.56 -13.91
C ARG A 170 2.13 -17.59 -12.91
N LEU A 171 2.06 -16.67 -11.96
CA LEU A 171 1.08 -16.80 -10.85
C LEU A 171 -0.10 -15.84 -11.06
N PRO A 172 -1.34 -16.20 -10.68
CA PRO A 172 -2.43 -15.22 -10.69
C PRO A 172 -2.36 -14.26 -9.49
N SER A 173 -3.33 -13.36 -9.41
CA SER A 173 -3.41 -12.22 -8.47
C SER A 173 -3.65 -12.69 -7.04
N TYR A 174 -3.99 -13.94 -6.85
CA TYR A 174 -4.07 -14.57 -5.50
C TYR A 174 -2.68 -14.60 -4.80
N PHE A 175 -1.59 -14.33 -5.55
CA PHE A 175 -0.18 -14.30 -5.05
C PHE A 175 0.40 -12.88 -5.23
N VAL A 176 1.12 -12.38 -4.23
CA VAL A 176 1.91 -11.13 -4.34
C VAL A 176 3.15 -11.43 -5.17
N ARG A 177 3.26 -10.81 -6.35
CA ARG A 177 4.36 -10.99 -7.31
C ARG A 177 5.44 -9.96 -6.99
N PRO A 178 6.74 -10.27 -7.14
CA PRO A 178 7.78 -9.26 -6.90
C PRO A 178 7.82 -8.19 -8.01
N ASP A 179 8.40 -7.02 -7.73
CA ASP A 179 8.59 -5.95 -8.74
C ASP A 179 9.66 -6.44 -9.72
N LEU A 180 9.80 -5.77 -10.85
CA LEU A 180 10.91 -6.02 -11.80
C LEU A 180 12.20 -5.49 -11.17
N GLY A 181 13.21 -6.36 -11.06
CA GLY A 181 14.52 -6.02 -10.46
C GLY A 181 15.54 -5.88 -11.58
N PRO A 182 16.84 -5.91 -11.30
CA PRO A 182 17.35 -5.94 -9.93
C PRO A 182 17.25 -4.59 -9.20
N LYS A 183 17.59 -4.58 -7.91
CA LYS A 183 17.67 -3.37 -7.05
C LYS A 183 19.12 -3.28 -6.55
N MET A 184 19.63 -2.07 -6.40
CA MET A 184 21.02 -1.83 -5.98
C MET A 184 20.98 -1.29 -4.55
N TYR A 185 21.89 -1.73 -3.67
CA TYR A 185 21.93 -1.33 -2.24
C TYR A 185 23.33 -0.78 -1.96
N ASN A 186 23.43 0.55 -1.79
CA ASN A 186 24.74 1.23 -1.67
C ASN A 186 24.80 1.90 -0.30
N ALA A 187 25.83 1.60 0.50
CA ALA A 187 26.00 2.27 1.82
C ALA A 187 27.44 2.18 2.31
N TYR A 188 27.81 3.19 3.11
CA TYR A 188 29.14 3.26 3.75
C TYR A 188 29.25 2.11 4.77
N GLY A 189 30.47 1.83 5.24
CA GLY A 189 30.72 0.92 6.38
C GLY A 189 30.52 1.61 7.73
N LEU A 190 29.99 0.89 8.70
CA LEU A 190 29.89 1.35 10.10
C LEU A 190 31.29 1.20 10.73
N ILE A 191 31.62 2.05 11.70
CA ILE A 191 33.05 2.36 12.02
C ILE A 191 33.34 2.08 13.49
N THR A 192 32.57 2.65 14.40
CA THR A 192 32.94 2.75 15.83
C THR A 192 32.39 1.59 16.65
N ALA A 193 32.84 1.49 17.90
CA ALA A 193 32.30 0.57 18.93
C ALA A 193 30.80 0.82 19.09
N GLU A 194 30.39 2.08 19.18
CA GLU A 194 28.95 2.46 19.27
C GLU A 194 28.19 1.96 18.02
N ASP A 195 28.81 1.99 16.83
CA ASP A 195 28.14 1.60 15.57
C ASP A 195 27.82 0.09 15.56
N ARG A 196 28.39 -0.72 16.47
CA ARG A 196 28.22 -2.20 16.51
C ARG A 196 26.72 -2.56 16.70
N ARG A 197 25.95 -1.69 17.33
CA ARG A 197 24.54 -1.86 17.73
C ARG A 197 23.58 -1.31 16.64
N VAL A 198 24.10 -0.86 15.52
CA VAL A 198 23.31 -0.14 14.47
C VAL A 198 23.24 -1.06 13.26
N GLY A 199 22.17 -0.98 12.48
CA GLY A 199 22.02 -1.71 11.21
C GLY A 199 22.27 -0.82 10.02
N THR A 200 22.75 -1.39 8.92
CA THR A 200 22.68 -0.74 7.58
C THR A 200 21.24 -0.92 7.06
N THR A 201 20.73 -2.14 7.13
CA THR A 201 19.31 -2.47 6.91
C THR A 201 18.75 -3.18 8.14
N ASN A 202 17.68 -2.64 8.73
CA ASN A 202 17.07 -3.19 9.96
C ASN A 202 16.34 -4.53 9.68
N LEU A 203 16.04 -5.25 10.75
CA LEU A 203 15.32 -6.56 10.69
C LEU A 203 13.95 -6.42 9.99
N HIS A 204 13.73 -7.20 8.94
CA HIS A 204 12.50 -7.21 8.13
C HIS A 204 12.37 -8.56 7.44
N LEU A 205 11.24 -8.81 6.77
CA LEU A 205 11.12 -10.00 5.91
C LEU A 205 10.53 -9.58 4.55
N ASP A 206 10.71 -10.44 3.57
CA ASP A 206 10.20 -10.32 2.17
C ASP A 206 9.35 -11.54 1.84
N VAL A 207 8.24 -11.37 1.13
CA VAL A 207 7.32 -12.51 0.81
C VAL A 207 7.81 -13.30 -0.41
N SER A 208 8.80 -12.78 -1.14
N SER A 208 8.80 -12.77 -1.14
CA SER A 208 9.48 -13.49 -2.26
CA SER A 208 9.49 -13.46 -2.26
C SER A 208 10.87 -13.97 -1.82
C SER A 208 10.87 -13.97 -1.82
N ASP A 209 11.45 -14.91 -2.57
CA ASP A 209 12.85 -15.36 -2.38
C ASP A 209 13.74 -14.21 -2.93
N ALA A 210 15.00 -14.15 -2.54
CA ALA A 210 15.95 -13.16 -3.11
C ALA A 210 17.36 -13.73 -3.17
N VAL A 211 18.13 -13.32 -4.19
CA VAL A 211 19.60 -13.53 -4.25
C VAL A 211 20.27 -12.15 -4.24
N ASN A 212 21.27 -11.96 -3.36
CA ASN A 212 21.95 -10.67 -3.10
C ASN A 212 23.45 -10.89 -3.39
N VAL A 213 23.99 -10.21 -4.41
CA VAL A 213 25.42 -10.34 -4.81
C VAL A 213 26.24 -9.12 -4.36
N MET A 214 27.35 -9.36 -3.66
CA MET A 214 28.36 -8.33 -3.31
C MET A 214 29.25 -8.09 -4.55
N VAL A 215 29.07 -6.96 -5.25
CA VAL A 215 29.80 -6.69 -6.55
C VAL A 215 30.99 -5.74 -6.29
N TYR A 216 31.07 -5.03 -5.16
CA TYR A 216 32.24 -4.18 -4.83
C TYR A 216 32.31 -3.93 -3.32
N VAL A 217 33.49 -4.02 -2.75
CA VAL A 217 33.80 -3.65 -1.34
C VAL A 217 34.91 -2.58 -1.33
N GLY A 218 34.63 -1.43 -0.74
CA GLY A 218 35.56 -0.30 -0.68
C GLY A 218 36.14 -0.21 0.70
N ILE A 219 37.43 -0.49 0.83
CA ILE A 219 38.13 -0.42 2.14
C ILE A 219 38.86 0.91 2.24
N PRO A 220 38.37 1.87 3.07
CA PRO A 220 38.82 3.27 3.01
C PRO A 220 40.29 3.54 3.38
N ILE A 221 40.59 4.84 3.46
CA ILE A 221 41.91 5.51 3.68
C ILE A 221 41.63 6.90 4.29
N GLY A 222 42.61 7.49 4.99
CA GLY A 222 42.45 8.73 5.78
C GLY A 222 42.15 8.41 7.23
N GLU A 223 41.17 7.52 7.46
CA GLU A 223 41.05 6.68 8.68
C GLU A 223 41.09 5.21 8.24
N GLY A 224 42.00 4.92 7.31
CA GLY A 224 42.45 3.56 6.96
C GLY A 224 43.51 3.08 7.93
N ALA A 225 43.23 1.95 8.60
CA ALA A 225 43.86 1.43 9.85
C ALA A 225 42.75 1.03 10.85
N HIS A 226 41.51 0.83 10.36
CA HIS A 226 40.25 0.63 11.12
C HIS A 226 39.92 -0.88 11.18
N ASP A 227 40.91 -1.71 10.84
CA ASP A 227 40.84 -3.19 10.67
C ASP A 227 40.37 -3.87 11.97
N GLU A 228 40.75 -3.34 13.14
CA GLU A 228 40.63 -4.08 14.43
C GLU A 228 39.17 -4.10 14.91
N GLU A 229 38.44 -3.00 14.77
CA GLU A 229 37.00 -2.93 15.14
C GLU A 229 36.18 -3.87 14.22
N VAL A 230 36.55 -4.02 12.94
CA VAL A 230 35.94 -5.00 11.99
C VAL A 230 36.10 -6.42 12.54
N LEU A 231 37.26 -6.78 13.11
CA LEU A 231 37.47 -8.16 13.66
C LEU A 231 36.60 -8.42 14.90
N LYS A 232 36.45 -7.43 15.77
N LYS A 232 36.49 -7.44 15.80
CA LYS A 232 35.65 -7.53 17.03
CA LYS A 232 35.64 -7.52 17.01
C LYS A 232 34.15 -7.54 16.69
C LYS A 232 34.17 -7.67 16.59
N THR A 233 33.75 -6.94 15.55
CA THR A 233 32.34 -6.91 15.10
C THR A 233 31.95 -8.32 14.62
N ILE A 234 32.83 -8.95 13.83
CA ILE A 234 32.64 -10.32 13.27
C ILE A 234 32.58 -11.32 14.44
N ASP A 235 33.49 -11.14 15.41
CA ASP A 235 33.63 -12.03 16.58
C ASP A 235 32.36 -11.97 17.46
N GLU A 236 32.02 -10.79 17.93
CA GLU A 236 30.84 -10.50 18.78
C GLU A 236 29.57 -10.81 17.97
N GLY A 237 29.64 -10.71 16.64
CA GLY A 237 28.51 -11.05 15.73
C GLY A 237 28.19 -12.54 15.68
N ASP A 238 29.06 -13.42 16.23
CA ASP A 238 28.84 -14.88 16.42
C ASP A 238 29.28 -15.65 15.17
N ALA A 239 30.20 -15.09 14.38
CA ALA A 239 30.72 -15.71 13.15
C ALA A 239 31.56 -16.95 13.50
N ASP A 240 31.49 -17.98 12.64
CA ASP A 240 32.12 -19.30 12.86
C ASP A 240 33.61 -19.23 12.50
N GLU A 241 34.36 -20.27 12.87
CA GLU A 241 35.85 -20.28 12.83
C GLU A 241 36.31 -20.32 11.37
N VAL A 242 35.61 -21.07 10.52
CA VAL A 242 35.92 -21.15 9.06
C VAL A 242 35.78 -19.75 8.42
N THR A 243 34.78 -18.96 8.82
CA THR A 243 34.56 -17.58 8.30
C THR A 243 35.76 -16.71 8.66
N LYS A 244 36.31 -16.87 9.86
CA LYS A 244 37.50 -16.10 10.31
C LYS A 244 38.75 -16.52 9.51
N GLU A 245 38.87 -17.79 9.13
CA GLU A 245 40.01 -18.28 8.30
C GLU A 245 39.98 -17.60 6.91
N ARG A 246 38.81 -17.18 6.36
CA ARG A 246 38.70 -16.58 4.99
C ARG A 246 39.45 -15.24 4.92
N ILE A 247 39.46 -14.49 6.02
CA ILE A 247 40.22 -13.22 6.17
C ILE A 247 41.73 -13.54 6.32
N HIS A 248 42.07 -14.26 7.40
CA HIS A 248 43.46 -14.43 7.90
C HIS A 248 44.29 -15.29 6.92
N ASP A 249 43.69 -16.24 6.18
CA ASP A 249 44.44 -17.22 5.36
C ASP A 249 44.35 -16.88 3.86
N HIS A 250 43.20 -16.42 3.34
CA HIS A 250 42.99 -16.14 1.89
C HIS A 250 43.04 -14.63 1.58
N LYS A 251 43.04 -13.77 2.61
CA LYS A 251 43.00 -12.29 2.46
C LYS A 251 41.80 -11.86 1.60
N GLU A 252 40.63 -12.51 1.70
CA GLU A 252 39.40 -12.06 0.99
C GLU A 252 38.85 -10.78 1.65
N LYS A 253 38.14 -9.94 0.90
CA LYS A 253 37.56 -8.65 1.38
C LYS A 253 36.16 -8.87 1.95
N PRO A 254 35.95 -8.72 3.28
CA PRO A 254 34.62 -8.86 3.88
C PRO A 254 33.79 -7.59 3.70
N GLY A 255 32.55 -7.71 3.23
CA GLY A 255 31.66 -6.54 2.99
C GLY A 255 30.67 -6.31 4.11
N ALA A 256 29.85 -7.32 4.45
CA ALA A 256 28.72 -7.12 5.39
C ALA A 256 28.47 -8.36 6.28
N LEU A 257 28.04 -8.11 7.52
CA LEU A 257 27.58 -9.15 8.48
C LEU A 257 26.04 -9.22 8.49
N TRP A 258 25.49 -10.38 8.17
CA TRP A 258 24.04 -10.69 8.09
C TRP A 258 23.67 -11.54 9.32
N HIS A 259 22.49 -11.34 9.90
CA HIS A 259 21.79 -12.36 10.70
C HIS A 259 20.51 -12.73 9.94
N ILE A 260 20.28 -14.02 9.71
CA ILE A 260 19.05 -14.54 9.07
C ILE A 260 18.42 -15.58 10.02
N TYR A 261 17.10 -15.57 10.10
CA TYR A 261 16.28 -16.50 10.94
C TYR A 261 15.29 -17.26 10.06
N ALA A 262 14.97 -18.52 10.40
CA ALA A 262 13.96 -19.34 9.69
C ALA A 262 12.60 -18.63 9.71
N ALA A 263 11.87 -18.68 8.60
CA ALA A 263 10.49 -18.15 8.47
C ALA A 263 9.62 -18.65 9.61
N LYS A 264 9.81 -19.90 10.06
CA LYS A 264 8.96 -20.52 11.10
C LYS A 264 9.19 -19.84 12.47
N ASP A 265 10.29 -19.10 12.66
CA ASP A 265 10.60 -18.42 13.95
C ASP A 265 10.11 -16.97 13.97
N ALA A 266 9.50 -16.45 12.91
CA ALA A 266 9.12 -15.02 12.79
C ALA A 266 8.21 -14.57 13.94
N GLU A 267 7.21 -15.35 14.35
CA GLU A 267 6.26 -14.90 15.41
C GLU A 267 6.98 -14.83 16.77
N LYS A 268 7.86 -15.78 17.10
CA LYS A 268 8.65 -15.72 18.35
C LYS A 268 9.51 -14.45 18.39
N ILE A 269 10.09 -14.07 17.24
CA ILE A 269 10.85 -12.80 17.13
C ILE A 269 9.87 -11.64 17.39
N ARG A 270 8.66 -11.66 16.84
CA ARG A 270 7.68 -10.56 17.15
C ARG A 270 7.39 -10.51 18.67
N GLU A 271 7.28 -11.64 19.37
CA GLU A 271 6.93 -11.65 20.83
C GLU A 271 8.08 -11.01 21.61
N LEU A 272 9.33 -11.35 21.30
CA LEU A 272 10.52 -10.74 21.97
C LEU A 272 10.46 -9.21 21.76
N LEU A 273 10.23 -8.77 20.53
CA LEU A 273 10.33 -7.33 20.22
C LEU A 273 9.13 -6.56 20.80
N ARG A 274 7.93 -7.13 20.87
CA ARG A 274 6.80 -6.51 21.65
C ARG A 274 7.18 -6.35 23.14
N LYS A 275 7.82 -7.33 23.76
CA LYS A 275 8.24 -7.30 25.19
C LYS A 275 9.31 -6.23 25.44
N VAL A 276 10.36 -6.19 24.62
CA VAL A 276 11.42 -5.14 24.70
C VAL A 276 10.80 -3.74 24.46
N GLY A 277 9.93 -3.57 23.46
CA GLY A 277 9.26 -2.30 23.21
C GLY A 277 8.58 -1.81 24.48
N GLU A 278 7.94 -2.73 25.20
CA GLU A 278 7.17 -2.43 26.44
C GLU A 278 8.16 -2.06 27.54
N GLU A 279 9.23 -2.83 27.74
CA GLU A 279 10.26 -2.50 28.75
C GLU A 279 10.82 -1.08 28.48
N GLN A 280 10.96 -0.67 27.21
CA GLN A 280 11.58 0.64 26.85
C GLN A 280 10.52 1.75 26.87
N GLY A 281 9.31 1.47 27.34
CA GLY A 281 8.22 2.46 27.43
C GLY A 281 7.69 2.89 26.07
N GLN A 282 7.91 2.13 24.99
CA GLN A 282 7.09 2.31 23.76
C GLN A 282 5.64 1.98 24.14
N GLU A 283 4.66 2.59 23.48
CA GLU A 283 3.23 2.30 23.75
C GLU A 283 2.64 1.80 22.44
N ASN A 284 2.41 0.49 22.36
CA ASN A 284 2.09 -0.26 21.11
C ASN A 284 0.89 -1.17 21.38
N PRO A 285 -0.11 -1.26 20.46
CA PRO A 285 -1.15 -2.29 20.55
C PRO A 285 -0.56 -3.70 20.60
N PRO A 286 -1.19 -4.66 21.32
CA PRO A 286 -0.62 -6.00 21.51
C PRO A 286 -0.40 -6.80 20.21
N ASP A 287 -0.91 -6.28 19.09
CA ASP A 287 -1.02 -6.98 17.79
C ASP A 287 -0.11 -6.31 16.74
N HIS A 288 0.59 -5.22 17.08
CA HIS A 288 1.39 -4.44 16.09
C HIS A 288 2.57 -5.31 15.64
N ASP A 289 3.14 -5.04 14.47
CA ASP A 289 4.15 -5.96 13.85
C ASP A 289 5.54 -5.30 13.88
N PRO A 290 6.42 -5.59 14.86
CA PRO A 290 7.75 -4.95 14.92
C PRO A 290 8.70 -5.36 13.79
N ILE A 291 8.47 -6.51 13.18
CA ILE A 291 9.28 -6.94 12.01
C ILE A 291 8.86 -6.08 10.81
N HIS A 292 7.56 -5.94 10.51
CA HIS A 292 7.09 -5.08 9.38
C HIS A 292 7.51 -3.61 9.58
N ASP A 293 7.51 -3.10 10.81
CA ASP A 293 7.98 -1.73 11.17
C ASP A 293 9.40 -1.44 10.65
N GLN A 294 10.27 -2.46 10.55
CA GLN A 294 11.65 -2.31 10.07
C GLN A 294 12.38 -1.29 10.96
N SER A 295 12.12 -1.34 12.26
CA SER A 295 12.61 -0.35 13.24
C SER A 295 13.71 -0.94 14.13
N TRP A 296 13.91 -2.28 14.18
CA TRP A 296 14.85 -2.93 15.12
C TRP A 296 16.10 -3.49 14.44
N TYR A 297 17.25 -3.40 15.11
CA TYR A 297 18.50 -4.16 14.80
C TYR A 297 18.81 -5.03 16.00
N LEU A 298 18.93 -6.35 15.82
CA LEU A 298 19.24 -7.27 16.96
C LEU A 298 20.75 -7.22 17.25
N ASP A 299 21.14 -6.52 18.35
CA ASP A 299 22.54 -6.45 18.82
C ASP A 299 22.90 -7.74 19.59
N GLN A 300 24.13 -7.87 20.07
CA GLN A 300 24.54 -9.10 20.81
C GLN A 300 23.58 -9.39 21.97
N THR A 301 23.11 -8.38 22.71
CA THR A 301 22.18 -8.56 23.87
C THR A 301 20.87 -9.16 23.38
N LEU A 302 20.30 -8.61 22.30
CA LEU A 302 18.98 -9.07 21.83
C LEU A 302 19.11 -10.48 21.23
N ARG A 303 20.21 -10.78 20.52
CA ARG A 303 20.38 -12.12 19.90
C ARG A 303 20.49 -13.16 21.02
N LYS A 304 21.23 -12.85 22.08
CA LYS A 304 21.40 -13.83 23.19
C LYS A 304 20.04 -14.10 23.88
N ARG A 305 19.25 -13.06 24.08
CA ARG A 305 17.90 -13.12 24.67
C ARG A 305 16.96 -13.97 23.78
N LEU A 306 17.06 -13.81 22.46
CA LEU A 306 16.22 -14.57 21.51
C LEU A 306 16.51 -16.06 21.69
N TYR A 307 17.79 -16.44 21.77
CA TYR A 307 18.28 -17.82 21.96
C TYR A 307 17.79 -18.36 23.32
N GLU A 308 18.12 -17.67 24.42
CA GLU A 308 17.93 -18.16 25.81
C GLU A 308 16.44 -18.22 26.15
N GLU A 309 15.69 -17.16 25.86
CA GLU A 309 14.27 -16.99 26.33
C GLU A 309 13.25 -17.60 25.35
N TYR A 310 13.57 -17.75 24.05
CA TYR A 310 12.59 -18.17 23.01
C TYR A 310 13.06 -19.41 22.25
N GLY A 311 14.29 -19.85 22.50
CA GLY A 311 14.82 -21.08 21.92
C GLY A 311 15.16 -20.92 20.42
N VAL A 312 15.37 -19.69 19.94
CA VAL A 312 15.57 -19.40 18.48
C VAL A 312 17.05 -19.17 18.17
N GLN A 313 17.55 -19.93 17.19
CA GLN A 313 18.93 -19.81 16.67
C GLN A 313 18.86 -19.38 15.20
N GLY A 314 19.70 -18.42 14.84
CA GLY A 314 19.83 -17.93 13.45
C GLY A 314 21.16 -18.33 12.84
N TRP A 315 21.45 -17.73 11.70
CA TRP A 315 22.66 -17.91 10.90
C TRP A 315 23.35 -16.53 10.87
N ALA A 316 24.60 -16.47 11.32
CA ALA A 316 25.49 -15.30 11.24
C ALA A 316 26.39 -15.52 10.03
N ILE A 317 26.24 -14.72 8.99
CA ILE A 317 26.89 -14.90 7.65
C ILE A 317 27.74 -13.65 7.33
N VAL A 318 29.03 -13.81 7.01
CA VAL A 318 29.84 -12.68 6.48
C VAL A 318 29.90 -12.81 4.96
N GLN A 319 29.35 -11.81 4.26
CA GLN A 319 29.24 -11.75 2.78
C GLN A 319 30.52 -11.04 2.29
N PHE A 320 31.44 -11.77 1.68
CA PHE A 320 32.70 -11.26 1.08
C PHE A 320 32.44 -10.81 -0.37
N LEU A 321 33.37 -10.02 -0.94
CA LEU A 321 33.30 -9.65 -2.38
C LEU A 321 32.97 -10.87 -3.21
N GLY A 322 31.98 -10.78 -4.08
CA GLY A 322 31.61 -11.90 -4.96
C GLY A 322 30.70 -12.95 -4.31
N ASP A 323 30.42 -12.88 -3.00
CA ASP A 323 29.44 -13.84 -2.42
C ASP A 323 27.99 -13.49 -2.79
N ALA A 324 27.19 -14.49 -3.19
CA ALA A 324 25.74 -14.37 -3.42
C ALA A 324 25.03 -15.00 -2.22
N VAL A 325 24.27 -14.20 -1.47
CA VAL A 325 23.42 -14.71 -0.35
C VAL A 325 22.00 -15.00 -0.85
N PHE A 326 21.53 -16.23 -0.69
CA PHE A 326 20.15 -16.66 -1.03
C PHE A 326 19.31 -16.55 0.25
N ILE A 327 18.28 -15.69 0.25
CA ILE A 327 17.39 -15.47 1.44
C ILE A 327 16.01 -16.08 1.15
N PRO A 328 15.60 -17.10 1.93
CA PRO A 328 14.29 -17.73 1.76
C PRO A 328 13.11 -16.76 2.01
N ALA A 329 12.05 -16.86 1.19
CA ALA A 329 10.79 -16.12 1.44
C ALA A 329 10.37 -16.27 2.91
N GLY A 330 9.99 -15.18 3.56
CA GLY A 330 9.46 -15.23 4.93
C GLY A 330 10.50 -15.14 6.03
N ALA A 331 11.79 -15.27 5.70
CA ALA A 331 12.91 -15.33 6.66
C ALA A 331 13.26 -13.92 7.13
N PRO A 332 13.04 -13.57 8.42
CA PRO A 332 13.52 -12.31 8.94
C PRO A 332 15.05 -12.16 8.84
N HIS A 333 15.54 -10.97 8.45
CA HIS A 333 17.01 -10.75 8.24
C HIS A 333 17.37 -9.27 8.36
N GLN A 334 18.60 -9.02 8.79
CA GLN A 334 19.23 -7.71 9.04
C GLN A 334 20.65 -7.71 8.44
N VAL A 335 21.18 -6.52 8.10
CA VAL A 335 22.49 -6.39 7.40
C VAL A 335 23.26 -5.25 8.08
N HIS A 336 24.55 -5.47 8.35
CA HIS A 336 25.49 -4.51 8.99
C HIS A 336 26.75 -4.43 8.11
N ASN A 337 26.95 -3.34 7.38
CA ASN A 337 28.15 -3.14 6.52
C ASN A 337 29.38 -2.96 7.41
N LEU A 338 30.40 -3.77 7.15
CA LEU A 338 31.73 -3.71 7.80
C LEU A 338 32.56 -2.67 7.08
N TYR A 339 32.53 -2.67 5.75
CA TYR A 339 33.14 -1.64 4.87
C TYR A 339 32.09 -1.11 3.90
N SER A 340 32.46 -0.15 3.06
CA SER A 340 31.57 0.44 2.04
C SER A 340 31.22 -0.62 0.99
N CYS A 341 29.93 -0.88 0.74
CA CYS A 341 29.45 -1.96 -0.17
C CYS A 341 28.54 -1.48 -1.27
N ILE A 342 28.71 -2.12 -2.43
CA ILE A 342 27.70 -2.13 -3.52
C ILE A 342 27.14 -3.55 -3.62
N LYS A 343 25.84 -3.71 -3.37
CA LYS A 343 25.12 -4.99 -3.51
C LYS A 343 24.07 -4.84 -4.62
N VAL A 344 23.79 -5.92 -5.34
CA VAL A 344 22.70 -5.98 -6.35
C VAL A 344 21.89 -7.24 -6.10
N ALA A 345 20.58 -7.10 -5.97
CA ALA A 345 19.68 -8.17 -5.51
C ALA A 345 18.58 -8.39 -6.56
N GLU A 346 18.15 -9.64 -6.74
CA GLU A 346 17.03 -9.99 -7.63
C GLU A 346 16.02 -10.84 -6.85
N ASP A 347 14.75 -10.49 -6.89
CA ASP A 347 13.67 -11.29 -6.27
C ASP A 347 13.24 -12.44 -7.20
N PHE A 348 12.75 -13.56 -6.66
CA PHE A 348 12.19 -14.70 -7.45
C PHE A 348 11.19 -15.46 -6.60
N VAL A 349 10.42 -16.37 -7.22
CA VAL A 349 9.41 -17.16 -6.48
C VAL A 349 9.66 -18.64 -6.75
N SER A 350 10.38 -19.32 -5.85
CA SER A 350 10.64 -20.78 -5.97
C SER A 350 9.36 -21.56 -5.61
N PRO A 351 9.15 -22.73 -6.22
CA PRO A 351 8.02 -23.57 -5.84
C PRO A 351 8.08 -24.01 -4.38
N GLU A 352 9.28 -24.22 -3.83
CA GLU A 352 9.53 -24.61 -2.40
C GLU A 352 8.85 -23.61 -1.46
N HIS A 353 8.77 -22.32 -1.81
CA HIS A 353 8.41 -21.25 -0.84
C HIS A 353 7.21 -20.41 -1.28
N VAL A 354 6.52 -20.80 -2.36
CA VAL A 354 5.35 -20.05 -2.92
C VAL A 354 4.25 -19.83 -1.86
N LYS A 355 4.03 -20.72 -0.90
CA LYS A 355 3.07 -20.48 0.23
C LYS A 355 3.28 -19.10 0.88
N HIS A 356 4.50 -18.56 0.92
CA HIS A 356 4.78 -17.31 1.67
C HIS A 356 4.15 -16.09 0.96
N CYS A 357 3.83 -16.14 -0.33
CA CYS A 357 3.23 -14.98 -1.05
C CYS A 357 1.73 -15.16 -1.38
N PHE A 358 1.10 -16.27 -0.94
CA PHE A 358 -0.34 -16.54 -1.16
C PHE A 358 -1.21 -15.60 -0.30
N ARG A 359 -2.30 -15.05 -0.86
CA ARG A 359 -3.07 -13.97 -0.17
C ARG A 359 -4.21 -14.53 0.70
N LEU A 360 -4.39 -15.84 0.80
CA LEU A 360 -5.49 -16.40 1.66
C LEU A 360 -4.95 -17.25 2.81
N THR A 361 -5.80 -17.40 3.84
CA THR A 361 -5.73 -18.25 5.07
C THR A 361 -4.40 -18.02 5.78
N MET B 23 -47.97 18.67 6.68
CA MET B 23 -48.16 17.37 7.37
C MET B 23 -47.23 16.30 6.77
N THR B 24 -46.48 16.60 5.70
CA THR B 24 -45.40 15.70 5.20
C THR B 24 -44.37 15.45 6.34
N SER B 25 -44.19 14.19 6.73
CA SER B 25 -43.19 13.79 7.75
C SER B 25 -41.77 14.20 7.29
N HIS B 26 -41.10 15.02 8.10
CA HIS B 26 -39.75 15.54 7.84
C HIS B 26 -39.11 16.03 9.12
N SER B 27 -37.79 16.15 9.14
CA SER B 27 -36.93 16.81 10.15
C SER B 27 -35.86 17.61 9.41
N TRP B 28 -35.17 18.49 10.13
CA TRP B 28 -34.07 19.31 9.60
C TRP B 28 -32.83 18.92 10.39
N LEU B 29 -31.74 18.50 9.72
CA LEU B 29 -30.45 18.20 10.39
C LEU B 29 -29.40 19.20 9.93
N CYS B 30 -28.14 18.98 10.33
CA CYS B 30 -26.97 19.84 9.98
C CYS B 30 -27.35 21.30 10.25
N ASP B 31 -27.77 21.60 11.49
CA ASP B 31 -28.18 22.96 11.95
C ASP B 31 -29.20 23.56 10.98
N GLY B 32 -30.25 22.80 10.62
CA GLY B 32 -31.35 23.27 9.75
C GLY B 32 -31.01 23.30 8.27
N ARG B 33 -29.80 22.90 7.82
CA ARG B 33 -29.40 23.00 6.38
C ARG B 33 -29.64 21.69 5.60
N LEU B 34 -30.11 20.62 6.25
CA LEU B 34 -30.37 19.33 5.56
C LEU B 34 -31.80 18.86 5.81
N LEU B 35 -32.62 18.88 4.76
CA LEU B 35 -33.97 18.29 4.78
C LEU B 35 -33.85 16.76 4.81
N CYS B 36 -34.55 16.13 5.75
CA CYS B 36 -34.73 14.66 5.84
C CYS B 36 -36.23 14.35 5.73
N LEU B 37 -36.68 13.74 4.61
CA LEU B 37 -38.07 13.23 4.40
C LEU B 37 -38.18 11.78 4.90
N HIS B 38 -39.24 11.43 5.64
CA HIS B 38 -39.31 10.11 6.34
C HIS B 38 -40.25 9.13 5.66
N ASP B 39 -41.15 9.56 4.79
CA ASP B 39 -42.06 8.63 4.08
C ASP B 39 -41.70 8.59 2.59
N PRO B 40 -40.99 7.54 2.12
CA PRO B 40 -40.44 7.56 0.75
C PRO B 40 -41.49 7.57 -0.38
N SER B 41 -42.72 7.13 -0.11
CA SER B 41 -43.82 7.07 -1.08
C SER B 41 -44.83 8.23 -0.92
N ASN B 42 -44.62 9.22 -0.07
CA ASN B 42 -45.57 10.35 0.10
C ASN B 42 -45.59 11.21 -1.18
N LYS B 43 -46.73 11.28 -1.85
CA LYS B 43 -46.87 11.97 -3.17
C LYS B 43 -46.66 13.49 -3.00
N ASN B 44 -46.61 14.02 -1.78
CA ASN B 44 -46.38 15.46 -1.50
C ASN B 44 -44.89 15.79 -1.21
N ASN B 45 -43.97 14.81 -1.26
CA ASN B 45 -42.52 15.01 -0.92
C ASN B 45 -41.94 16.18 -1.73
N TRP B 46 -42.31 16.32 -3.01
CA TRP B 46 -41.78 17.34 -3.93
C TRP B 46 -41.92 18.78 -3.35
N LYS B 47 -42.95 19.05 -2.55
CA LYS B 47 -43.32 20.45 -2.14
C LYS B 47 -42.19 21.09 -1.33
N ILE B 48 -41.67 20.39 -0.32
CA ILE B 48 -40.58 20.96 0.53
C ILE B 48 -39.20 20.73 -0.13
N PHE B 49 -39.06 19.61 -0.85
CA PHE B 49 -37.85 19.27 -1.65
C PHE B 49 -37.41 20.43 -2.55
N ARG B 50 -38.36 21.02 -3.28
CA ARG B 50 -38.14 21.96 -4.41
C ARG B 50 -37.17 23.09 -4.00
N GLU B 51 -37.46 23.83 -2.91
CA GLU B 51 -36.64 25.03 -2.56
C GLU B 51 -35.25 24.57 -2.10
N CYS B 52 -35.12 23.46 -1.36
CA CYS B 52 -33.78 22.96 -0.92
C CYS B 52 -32.91 22.66 -2.17
N TRP B 53 -33.51 22.01 -3.16
CA TRP B 53 -32.83 21.58 -4.42
C TRP B 53 -32.47 22.79 -5.25
N LYS B 54 -33.37 23.77 -5.36
CA LYS B 54 -33.08 25.07 -6.04
C LYS B 54 -31.88 25.77 -5.40
N GLN B 55 -31.75 25.72 -4.07
CA GLN B 55 -30.65 26.38 -3.33
C GLN B 55 -29.36 25.54 -3.43
N GLY B 56 -29.36 24.37 -4.08
CA GLY B 56 -28.13 23.59 -4.29
C GLY B 56 -27.78 22.69 -3.11
N GLN B 57 -28.74 22.35 -2.26
CA GLN B 57 -28.50 21.51 -1.07
C GLN B 57 -28.74 20.04 -1.42
N PRO B 58 -27.96 19.12 -0.82
CA PRO B 58 -28.36 17.71 -0.78
C PRO B 58 -29.62 17.55 0.09
N VAL B 59 -30.32 16.45 -0.11
CA VAL B 59 -31.54 16.03 0.64
C VAL B 59 -31.40 14.55 0.99
N LEU B 60 -31.90 14.14 2.16
CA LEU B 60 -31.95 12.70 2.55
C LEU B 60 -33.40 12.24 2.64
N VAL B 61 -33.67 11.02 2.18
CA VAL B 61 -34.98 10.33 2.35
C VAL B 61 -34.68 8.99 3.05
N SER B 62 -35.29 8.77 4.23
CA SER B 62 -35.11 7.57 5.07
C SER B 62 -36.24 6.56 4.80
N GLY B 63 -35.99 5.27 5.10
CA GLY B 63 -37.01 4.19 5.09
C GLY B 63 -37.18 3.44 3.75
N VAL B 64 -36.28 3.62 2.77
CA VAL B 64 -36.44 2.93 1.44
C VAL B 64 -36.28 1.41 1.66
N HIS B 65 -35.53 0.97 2.67
CA HIS B 65 -35.29 -0.50 2.91
C HIS B 65 -36.63 -1.20 3.20
N LYS B 66 -37.55 -0.48 3.85
CA LYS B 66 -38.86 -1.06 4.20
C LYS B 66 -39.69 -1.27 2.95
N LYS B 67 -39.36 -0.66 1.81
CA LYS B 67 -40.12 -0.85 0.54
C LYS B 67 -39.50 -1.93 -0.35
N LEU B 68 -38.29 -2.40 -0.04
CA LEU B 68 -37.58 -3.35 -0.95
C LEU B 68 -37.87 -4.81 -0.51
N LYS B 69 -37.58 -5.77 -1.39
CA LYS B 69 -37.51 -7.23 -1.07
C LYS B 69 -36.13 -7.58 -0.49
N SER B 70 -36.03 -7.62 0.83
CA SER B 70 -34.74 -7.68 1.57
C SER B 70 -33.90 -8.91 1.14
N GLU B 71 -34.52 -10.02 0.76
CA GLU B 71 -33.84 -11.27 0.32
C GLU B 71 -33.06 -11.04 -0.99
N LEU B 72 -33.38 -10.01 -1.79
CA LEU B 72 -32.69 -9.75 -3.09
C LEU B 72 -31.36 -9.02 -2.87
N TRP B 73 -31.13 -8.46 -1.69
CA TRP B 73 -30.03 -7.50 -1.46
C TRP B 73 -29.05 -8.04 -0.40
N LYS B 74 -28.94 -9.36 -0.25
CA LYS B 74 -28.01 -9.98 0.74
C LYS B 74 -26.71 -10.40 0.06
N PRO B 75 -25.56 -10.19 0.72
CA PRO B 75 -24.26 -10.61 0.17
C PRO B 75 -24.27 -12.10 -0.25
N GLU B 76 -24.93 -12.96 0.54
CA GLU B 76 -25.00 -14.43 0.30
C GLU B 76 -25.69 -14.73 -1.05
N ALA B 77 -26.71 -13.98 -1.44
CA ALA B 77 -27.46 -14.22 -2.71
C ALA B 77 -26.59 -13.79 -3.91
N PHE B 78 -25.88 -12.67 -3.83
CA PHE B 78 -24.98 -12.22 -4.93
C PHE B 78 -23.88 -13.28 -5.15
N SER B 79 -23.29 -13.81 -4.08
CA SER B 79 -22.22 -14.86 -4.13
C SER B 79 -22.76 -16.15 -4.77
N GLN B 80 -23.91 -16.65 -4.30
CA GLN B 80 -24.53 -17.89 -4.84
C GLN B 80 -24.94 -17.70 -6.30
N GLU B 81 -25.49 -16.54 -6.66
CA GLU B 81 -26.04 -16.32 -8.02
C GLU B 81 -24.95 -15.98 -9.02
N PHE B 82 -23.91 -15.25 -8.61
CA PHE B 82 -22.94 -14.65 -9.57
C PHE B 82 -21.48 -14.99 -9.23
N GLY B 83 -21.26 -15.91 -8.30
CA GLY B 83 -19.95 -16.03 -7.61
C GLY B 83 -18.79 -16.48 -8.51
N ASP B 84 -19.08 -17.08 -9.68
CA ASP B 84 -18.00 -17.66 -10.52
C ASP B 84 -17.60 -16.69 -11.63
N GLN B 85 -18.14 -15.45 -11.65
CA GLN B 85 -17.69 -14.39 -12.58
C GLN B 85 -16.28 -13.90 -12.17
N ASP B 86 -15.50 -13.48 -13.15
CA ASP B 86 -14.15 -12.90 -12.97
C ASP B 86 -14.28 -11.37 -12.88
N VAL B 87 -13.49 -10.78 -12.01
CA VAL B 87 -13.65 -9.35 -11.64
C VAL B 87 -12.33 -8.77 -11.14
N ASP B 88 -12.18 -7.45 -11.19
CA ASP B 88 -11.08 -6.72 -10.52
C ASP B 88 -11.57 -6.15 -9.19
N LEU B 89 -10.70 -6.12 -8.19
CA LEU B 89 -10.93 -5.36 -6.92
C LEU B 89 -9.91 -4.22 -6.79
N VAL B 90 -10.15 -3.28 -5.87
CA VAL B 90 -9.22 -2.17 -5.50
C VAL B 90 -8.99 -2.23 -3.99
N ASN B 91 -7.73 -2.19 -3.60
CA ASN B 91 -7.26 -2.04 -2.20
C ASN B 91 -7.47 -0.56 -1.83
N CYS B 92 -8.43 -0.26 -0.95
CA CYS B 92 -8.83 1.15 -0.62
C CYS B 92 -7.66 1.88 0.06
N ARG B 93 -6.74 1.18 0.71
CA ARG B 93 -5.62 1.82 1.45
C ARG B 93 -4.52 2.33 0.50
N ASN B 94 -4.27 1.69 -0.65
CA ASN B 94 -3.11 2.06 -1.51
C ASN B 94 -3.50 2.18 -3.00
N CYS B 95 -4.78 2.07 -3.35
CA CYS B 95 -5.33 2.20 -4.73
C CYS B 95 -4.82 1.09 -5.67
N ALA B 96 -4.14 0.04 -5.17
CA ALA B 96 -3.62 -1.04 -6.04
C ALA B 96 -4.80 -1.88 -6.58
N ILE B 97 -4.76 -2.27 -7.87
CA ILE B 97 -5.74 -3.19 -8.51
C ILE B 97 -5.34 -4.64 -8.26
N ILE B 98 -6.25 -5.45 -7.71
CA ILE B 98 -6.15 -6.93 -7.68
C ILE B 98 -6.98 -7.47 -8.86
N SER B 99 -6.32 -7.86 -9.97
CA SER B 99 -6.99 -8.22 -11.24
C SER B 99 -7.38 -9.70 -11.32
N ASP B 100 -8.57 -9.91 -11.87
CA ASP B 100 -9.04 -11.21 -12.39
C ASP B 100 -9.12 -12.22 -11.25
N VAL B 101 -9.80 -11.89 -10.16
CA VAL B 101 -10.20 -12.87 -9.11
C VAL B 101 -11.71 -13.19 -9.27
N LYS B 102 -12.23 -14.06 -8.43
CA LYS B 102 -13.65 -14.51 -8.46
C LYS B 102 -14.51 -13.60 -7.59
N VAL B 103 -15.69 -13.22 -8.11
CA VAL B 103 -16.71 -12.42 -7.37
C VAL B 103 -16.91 -13.04 -5.98
N ARG B 104 -16.95 -14.37 -5.85
CA ARG B 104 -17.21 -15.00 -4.52
C ARG B 104 -16.08 -14.70 -3.53
N ASP B 105 -14.84 -14.45 -3.99
CA ASP B 105 -13.71 -14.10 -3.09
C ASP B 105 -13.93 -12.68 -2.50
N PHE B 106 -14.68 -11.78 -3.15
CA PHE B 106 -15.09 -10.48 -2.52
C PHE B 106 -16.24 -10.75 -1.51
N TRP B 107 -17.33 -11.38 -1.93
CA TRP B 107 -18.57 -11.49 -1.12
C TRP B 107 -18.33 -12.37 0.11
N ASP B 108 -17.44 -13.37 0.06
CA ASP B 108 -17.32 -14.32 1.19
C ASP B 108 -16.55 -13.66 2.37
N GLY B 109 -15.82 -12.57 2.12
CA GLY B 109 -15.16 -11.74 3.14
C GLY B 109 -15.95 -10.48 3.54
N PHE B 110 -17.17 -10.29 3.01
CA PHE B 110 -17.94 -9.03 3.25
C PHE B 110 -18.07 -8.75 4.75
N GLU B 111 -18.39 -9.77 5.56
CA GLU B 111 -18.63 -9.61 7.01
C GLU B 111 -17.77 -10.55 7.87
N ILE B 112 -16.94 -11.40 7.26
CA ILE B 112 -15.97 -12.31 7.97
C ILE B 112 -14.55 -11.89 7.61
N ILE B 113 -13.88 -11.21 8.52
CA ILE B 113 -12.57 -10.54 8.26
C ILE B 113 -11.49 -11.58 7.92
N CYS B 114 -11.52 -12.75 8.56
CA CYS B 114 -10.44 -13.77 8.42
C CYS B 114 -10.52 -14.41 7.03
N LYS B 115 -11.65 -14.32 6.33
CA LYS B 115 -11.83 -14.84 4.93
C LYS B 115 -11.28 -13.87 3.90
N ARG B 116 -10.83 -12.68 4.27
CA ARG B 116 -10.48 -11.65 3.26
C ARG B 116 -9.11 -11.92 2.62
N LEU B 117 -8.96 -11.55 1.34
CA LEU B 117 -7.63 -11.46 0.68
C LEU B 117 -6.71 -10.52 1.48
N ARG B 118 -5.43 -10.89 1.63
CA ARG B 118 -4.41 -10.15 2.41
C ARG B 118 -3.44 -9.38 1.52
N SER B 119 -2.88 -8.31 2.08
CA SER B 119 -1.81 -7.49 1.42
C SER B 119 -0.44 -8.08 1.80
N GLU B 120 0.63 -7.56 1.19
CA GLU B 120 2.05 -7.95 1.39
C GLU B 120 2.39 -8.07 2.89
N ASP B 121 1.82 -7.20 3.71
CA ASP B 121 2.09 -7.13 5.18
C ASP B 121 1.33 -8.19 5.96
N GLY B 122 0.60 -9.08 5.31
CA GLY B 122 -0.17 -10.12 6.03
C GLY B 122 -1.51 -9.64 6.57
N GLN B 123 -1.90 -8.37 6.35
CA GLN B 123 -3.18 -7.83 6.88
C GLN B 123 -4.33 -8.09 5.90
N PRO B 124 -5.54 -8.40 6.42
CA PRO B 124 -6.76 -8.41 5.61
C PRO B 124 -6.99 -7.05 4.94
N MET B 125 -7.29 -7.06 3.63
CA MET B 125 -7.46 -5.83 2.83
C MET B 125 -8.88 -5.24 3.03
N VAL B 126 -8.97 -3.94 2.93
CA VAL B 126 -10.27 -3.23 2.73
C VAL B 126 -10.43 -3.06 1.22
N LEU B 127 -11.37 -3.77 0.63
CA LEU B 127 -11.51 -3.90 -0.83
C LEU B 127 -12.82 -3.26 -1.30
N LYS B 128 -12.78 -2.68 -2.48
CA LYS B 128 -13.97 -2.29 -3.26
C LYS B 128 -14.03 -3.14 -4.54
N LEU B 129 -15.24 -3.59 -4.90
CA LEU B 129 -15.52 -4.35 -6.13
C LEU B 129 -15.62 -3.32 -7.26
N LYS B 130 -14.72 -3.39 -8.25
CA LYS B 130 -14.66 -2.42 -9.36
C LYS B 130 -15.63 -2.83 -10.47
N ASP B 131 -16.40 -1.85 -10.98
CA ASP B 131 -17.16 -1.91 -12.25
C ASP B 131 -18.03 -3.17 -12.29
N TRP B 132 -18.89 -3.37 -11.29
CA TRP B 132 -19.70 -4.61 -11.22
C TRP B 132 -21.12 -4.30 -10.75
N PRO B 133 -22.19 -4.79 -11.45
CA PRO B 133 -22.09 -5.34 -12.81
C PRO B 133 -21.44 -4.36 -13.78
N PRO B 134 -20.72 -4.85 -14.81
CA PRO B 134 -19.90 -3.98 -15.66
C PRO B 134 -20.70 -3.09 -16.61
N GLY B 135 -20.16 -1.89 -16.85
CA GLY B 135 -20.77 -0.89 -17.75
C GLY B 135 -22.23 -0.69 -17.40
N GLU B 136 -23.12 -1.08 -18.31
CA GLU B 136 -24.57 -0.84 -18.26
C GLU B 136 -25.28 -2.18 -18.18
N ASP B 137 -24.59 -3.21 -17.67
CA ASP B 137 -25.10 -4.60 -17.60
C ASP B 137 -26.14 -4.78 -16.49
N PHE B 138 -26.27 -3.85 -15.53
CA PHE B 138 -27.10 -4.07 -14.32
C PHE B 138 -28.49 -4.57 -14.71
N ARG B 139 -29.17 -3.94 -15.67
CA ARG B 139 -30.56 -4.34 -16.05
C ARG B 139 -30.57 -5.75 -16.65
N ASP B 140 -29.65 -6.08 -17.57
CA ASP B 140 -29.59 -7.39 -18.27
C ASP B 140 -29.16 -8.51 -17.32
N MET B 141 -28.17 -8.25 -16.45
CA MET B 141 -27.67 -9.26 -15.49
C MET B 141 -28.69 -9.45 -14.37
N MET B 142 -29.34 -8.40 -13.87
CA MET B 142 -30.10 -8.50 -12.59
C MET B 142 -31.49 -7.90 -12.75
N PRO B 143 -32.36 -8.42 -13.64
CA PRO B 143 -33.65 -7.79 -13.94
C PRO B 143 -34.60 -7.63 -12.74
N THR B 144 -34.60 -8.56 -11.77
CA THR B 144 -35.54 -8.49 -10.63
C THR B 144 -35.08 -7.43 -9.62
N ARG B 145 -33.77 -7.30 -9.37
CA ARG B 145 -33.21 -6.20 -8.55
C ARG B 145 -33.49 -4.84 -9.20
N PHE B 146 -33.34 -4.72 -10.52
CA PHE B 146 -33.60 -3.47 -11.27
C PHE B 146 -35.04 -3.00 -11.04
N GLU B 147 -36.01 -3.90 -11.22
CA GLU B 147 -37.45 -3.66 -10.99
C GLU B 147 -37.68 -3.27 -9.52
N ASP B 148 -37.12 -4.00 -8.56
CA ASP B 148 -37.33 -3.74 -7.11
C ASP B 148 -36.81 -2.33 -6.77
N LEU B 149 -35.68 -1.91 -7.33
CA LEU B 149 -35.08 -0.59 -7.01
C LEU B 149 -35.88 0.54 -7.69
N MET B 150 -36.11 0.45 -9.00
CA MET B 150 -36.70 1.56 -9.78
C MET B 150 -38.13 1.82 -9.32
N GLU B 151 -38.89 0.79 -8.91
CA GLU B 151 -40.32 0.95 -8.54
C GLU B 151 -40.42 1.61 -7.16
N ASN B 152 -39.31 1.67 -6.39
CA ASN B 152 -39.37 2.15 -4.99
C ASN B 152 -38.44 3.37 -4.78
N LEU B 153 -37.84 3.92 -5.84
CA LEU B 153 -37.02 5.18 -5.76
C LEU B 153 -37.93 6.32 -5.30
N PRO B 154 -37.52 7.09 -4.27
CA PRO B 154 -38.24 8.31 -3.88
C PRO B 154 -38.17 9.42 -4.94
N LEU B 155 -39.00 10.45 -4.81
CA LEU B 155 -39.17 11.54 -5.81
C LEU B 155 -39.16 10.98 -7.24
N PRO B 156 -40.10 10.05 -7.56
CA PRO B 156 -40.08 9.38 -8.85
C PRO B 156 -40.27 10.30 -10.08
N GLU B 157 -40.97 11.45 -9.94
CA GLU B 157 -41.14 12.44 -11.03
C GLU B 157 -39.75 12.96 -11.45
N TYR B 158 -38.80 12.97 -10.51
CA TYR B 158 -37.41 13.42 -10.73
C TYR B 158 -36.50 12.24 -11.13
N THR B 159 -36.66 11.08 -10.51
CA THR B 159 -35.63 10.00 -10.53
C THR B 159 -35.93 8.87 -11.52
N LYS B 160 -37.18 8.60 -11.90
CA LYS B 160 -37.45 7.52 -12.93
C LYS B 160 -37.24 8.04 -14.37
N ARG B 161 -36.93 7.13 -15.32
N ARG B 161 -36.95 7.12 -15.31
CA ARG B 161 -36.62 7.49 -16.74
CA ARG B 161 -36.63 7.43 -16.73
C ARG B 161 -37.79 8.30 -17.33
C ARG B 161 -37.77 8.25 -17.36
N ASP B 162 -39.02 7.83 -17.15
CA ASP B 162 -40.23 8.50 -17.72
C ASP B 162 -40.82 9.50 -16.72
N GLY B 163 -40.10 9.90 -15.66
CA GLY B 163 -40.55 10.95 -14.72
C GLY B 163 -40.91 12.28 -15.42
N ARG B 164 -41.97 12.93 -14.98
CA ARG B 164 -42.48 14.21 -15.57
C ARG B 164 -41.37 15.27 -15.58
N LEU B 165 -40.51 15.30 -14.57
CA LEU B 165 -39.46 16.34 -14.40
C LEU B 165 -38.06 15.74 -14.59
N ASN B 166 -37.90 14.50 -15.08
CA ASN B 166 -36.55 14.01 -15.44
C ASN B 166 -36.34 14.37 -16.92
N LEU B 167 -35.33 15.18 -17.25
CA LEU B 167 -35.07 15.62 -18.64
C LEU B 167 -34.01 14.76 -19.35
N ALA B 168 -33.44 13.73 -18.70
CA ALA B 168 -32.29 12.95 -19.22
C ALA B 168 -32.64 12.31 -20.58
N SER B 169 -33.85 11.77 -20.76
CA SER B 169 -34.20 11.05 -22.01
C SER B 169 -34.53 12.02 -23.14
N ARG B 170 -34.78 13.30 -22.85
CA ARG B 170 -35.25 14.26 -23.88
C ARG B 170 -34.10 15.13 -24.38
N LEU B 171 -33.07 15.39 -23.56
CA LEU B 171 -32.02 16.38 -23.93
C LEU B 171 -30.94 15.77 -24.81
N PRO B 172 -30.36 16.60 -25.71
CA PRO B 172 -29.14 16.24 -26.46
C PRO B 172 -27.88 15.97 -25.61
N SER B 173 -26.86 15.39 -26.25
CA SER B 173 -25.63 14.89 -25.62
C SER B 173 -24.80 16.02 -24.99
N TYR B 174 -25.02 17.27 -25.36
CA TYR B 174 -24.24 18.41 -24.76
C TYR B 174 -24.79 18.75 -23.37
N PHE B 175 -25.88 18.10 -22.90
CA PHE B 175 -26.38 18.25 -21.51
C PHE B 175 -26.11 16.99 -20.70
N VAL B 176 -26.12 15.82 -21.36
CA VAL B 176 -26.27 14.53 -20.63
C VAL B 176 -25.86 13.34 -21.51
N ARG B 177 -25.16 12.38 -20.90
CA ARG B 177 -24.78 11.09 -21.52
C ARG B 177 -26.07 10.31 -21.82
N PRO B 178 -26.18 9.59 -22.96
CA PRO B 178 -27.41 8.87 -23.29
C PRO B 178 -27.61 7.58 -22.48
N ASP B 179 -28.88 7.15 -22.35
CA ASP B 179 -29.30 5.83 -21.79
C ASP B 179 -28.69 5.61 -20.40
N LEU B 180 -29.04 6.46 -19.42
CA LEU B 180 -28.65 6.33 -17.99
C LEU B 180 -29.31 5.05 -17.43
N GLY B 181 -28.56 4.23 -16.69
CA GLY B 181 -29.06 3.07 -15.92
C GLY B 181 -28.40 3.05 -14.55
N PRO B 182 -28.91 2.25 -13.57
CA PRO B 182 -28.32 2.23 -12.23
C PRO B 182 -26.95 1.52 -12.15
N LYS B 183 -26.17 1.91 -11.15
CA LYS B 183 -24.79 1.46 -10.86
C LYS B 183 -24.74 1.02 -9.40
N MET B 184 -24.11 -0.11 -9.14
CA MET B 184 -24.00 -0.74 -7.81
C MET B 184 -22.60 -0.45 -7.28
N TYR B 185 -22.45 -0.02 -6.02
CA TYR B 185 -21.17 0.32 -5.35
C TYR B 185 -21.03 -0.54 -4.09
N ASN B 186 -20.06 -1.48 -4.14
CA ASN B 186 -19.86 -2.57 -3.14
C ASN B 186 -18.44 -2.45 -2.57
N ALA B 187 -18.30 -2.26 -1.27
CA ALA B 187 -16.97 -2.12 -0.63
C ALA B 187 -17.07 -2.40 0.86
N TYR B 188 -15.96 -2.89 1.42
CA TYR B 188 -15.79 -3.20 2.86
C TYR B 188 -15.75 -1.90 3.66
N GLY B 189 -15.97 -2.02 4.97
CA GLY B 189 -15.75 -0.91 5.92
C GLY B 189 -14.28 -0.67 6.18
N LEU B 190 -13.87 0.59 6.26
CA LEU B 190 -12.55 1.01 6.81
C LEU B 190 -12.54 0.78 8.33
N ILE B 191 -11.39 0.38 8.91
CA ILE B 191 -11.31 -0.33 10.24
C ILE B 191 -10.47 0.44 11.28
N THR B 192 -9.26 0.87 10.91
CA THR B 192 -8.19 1.36 11.83
C THR B 192 -8.23 2.88 11.98
N ALA B 193 -7.53 3.40 13.00
CA ALA B 193 -7.29 4.84 13.23
C ALA B 193 -6.62 5.44 12.00
N GLU B 194 -5.66 4.74 11.40
CA GLU B 194 -4.97 5.24 10.18
C GLU B 194 -5.98 5.32 9.02
N ASP B 195 -6.97 4.41 9.00
CA ASP B 195 -8.05 4.33 7.99
C ASP B 195 -8.94 5.60 8.02
N ARG B 196 -8.99 6.32 9.15
CA ARG B 196 -9.87 7.51 9.33
C ARG B 196 -9.57 8.54 8.23
N ARG B 197 -8.32 8.60 7.77
CA ARG B 197 -7.83 9.56 6.75
C ARG B 197 -8.05 9.01 5.33
N VAL B 198 -8.70 7.86 5.17
CA VAL B 198 -8.81 7.20 3.83
C VAL B 198 -10.26 7.33 3.35
N GLY B 199 -10.46 7.47 2.04
CA GLY B 199 -11.79 7.43 1.38
C GLY B 199 -12.08 6.07 0.77
N THR B 200 -13.31 5.58 0.88
CA THR B 200 -13.89 4.56 -0.02
C THR B 200 -13.97 5.15 -1.45
N THR B 201 -14.50 6.37 -1.60
CA THR B 201 -14.52 7.15 -2.87
C THR B 201 -13.91 8.53 -2.58
N ASN B 202 -12.81 8.86 -3.27
CA ASN B 202 -12.15 10.16 -3.07
C ASN B 202 -13.07 11.29 -3.55
N LEU B 203 -12.77 12.50 -3.11
CA LEU B 203 -13.40 13.78 -3.47
C LEU B 203 -13.45 13.91 -5.00
N HIS B 204 -14.66 14.10 -5.56
CA HIS B 204 -14.91 14.23 -7.01
C HIS B 204 -16.23 15.00 -7.22
N LEU B 205 -16.56 15.28 -8.48
CA LEU B 205 -17.94 15.73 -8.80
C LEU B 205 -18.48 14.90 -9.96
N ASP B 206 -19.82 14.89 -10.09
CA ASP B 206 -20.56 14.21 -11.18
C ASP B 206 -21.23 15.28 -12.05
N VAL B 207 -21.36 15.05 -13.36
CA VAL B 207 -21.84 16.07 -14.33
C VAL B 207 -23.38 16.02 -14.43
N SER B 208 -24.05 15.06 -13.80
CA SER B 208 -25.53 15.02 -13.70
C SER B 208 -25.95 15.02 -12.22
N ASP B 209 -27.24 15.23 -11.96
CA ASP B 209 -27.86 14.93 -10.63
C ASP B 209 -27.77 13.43 -10.37
N ALA B 210 -27.81 13.00 -9.11
CA ALA B 210 -27.85 11.57 -8.73
C ALA B 210 -28.60 11.37 -7.42
N VAL B 211 -29.16 10.17 -7.27
CA VAL B 211 -29.69 9.63 -6.00
C VAL B 211 -28.91 8.33 -5.68
N ASN B 212 -28.49 8.16 -4.42
CA ASN B 212 -27.69 6.99 -3.95
C ASN B 212 -28.44 6.32 -2.79
N VAL B 213 -28.86 5.06 -2.95
CA VAL B 213 -29.62 4.28 -1.91
C VAL B 213 -28.72 3.21 -1.23
N MET B 214 -28.66 3.23 0.10
CA MET B 214 -28.02 2.20 0.94
C MET B 214 -29.01 1.02 1.07
N VAL B 215 -28.75 -0.10 0.39
CA VAL B 215 -29.69 -1.25 0.41
C VAL B 215 -29.22 -2.36 1.36
N TYR B 216 -27.99 -2.35 1.84
CA TYR B 216 -27.51 -3.37 2.82
C TYR B 216 -26.30 -2.84 3.57
N VAL B 217 -26.24 -3.07 4.88
CA VAL B 217 -25.10 -2.69 5.78
C VAL B 217 -24.68 -3.95 6.58
N GLY B 218 -23.40 -4.35 6.45
CA GLY B 218 -22.88 -5.59 7.07
C GLY B 218 -22.03 -5.28 8.28
N ILE B 219 -22.51 -5.66 9.46
CA ILE B 219 -21.77 -5.40 10.73
C ILE B 219 -21.20 -6.72 11.27
N PRO B 220 -19.88 -6.99 11.07
CA PRO B 220 -19.24 -8.17 11.67
C PRO B 220 -19.36 -8.22 13.20
N ILE B 221 -19.15 -9.39 13.85
CA ILE B 221 -18.88 -9.50 15.32
C ILE B 221 -17.43 -9.94 15.54
N ALA B 225 -17.59 -6.46 18.09
CA ALA B 225 -16.13 -6.35 17.86
C ALA B 225 -15.64 -4.94 18.22
N HIS B 226 -15.17 -4.16 17.24
CA HIS B 226 -14.63 -2.78 17.41
C HIS B 226 -15.56 -1.76 16.75
N ASP B 227 -16.76 -1.61 17.32
CA ASP B 227 -17.76 -0.57 16.98
C ASP B 227 -17.41 0.74 17.71
N GLU B 228 -16.22 0.81 18.33
CA GLU B 228 -15.74 1.97 19.13
C GLU B 228 -15.12 3.02 18.19
N GLU B 229 -14.27 2.60 17.25
CA GLU B 229 -13.54 3.52 16.33
C GLU B 229 -14.51 4.15 15.32
N VAL B 230 -15.58 3.45 14.94
CA VAL B 230 -16.62 4.00 14.01
C VAL B 230 -17.36 5.13 14.71
N LEU B 231 -17.65 4.99 16.02
CA LEU B 231 -18.23 6.06 16.88
C LEU B 231 -17.29 7.28 16.88
N LYS B 232 -15.97 7.05 16.96
CA LYS B 232 -14.93 8.11 16.97
C LYS B 232 -14.82 8.75 15.58
N THR B 233 -14.88 7.95 14.50
CA THR B 233 -14.78 8.44 13.09
C THR B 233 -15.95 9.39 12.83
N ILE B 234 -17.16 8.99 13.24
CA ILE B 234 -18.42 9.79 13.13
C ILE B 234 -18.26 11.12 13.89
N ASP B 235 -17.60 11.12 15.05
CA ASP B 235 -17.44 12.30 15.95
C ASP B 235 -16.45 13.29 15.32
N GLU B 236 -15.27 12.80 14.93
CA GLU B 236 -14.18 13.60 14.30
C GLU B 236 -14.64 14.02 12.89
N GLY B 237 -15.57 13.28 12.28
CA GLY B 237 -16.17 13.56 10.95
C GLY B 237 -17.13 14.73 10.96
N ASP B 238 -17.62 15.09 12.16
CA ASP B 238 -18.41 16.32 12.48
C ASP B 238 -19.92 16.05 12.28
N ALA B 239 -20.38 14.80 12.48
CA ALA B 239 -21.82 14.43 12.49
C ALA B 239 -22.52 15.04 13.71
N ASP B 240 -23.83 15.34 13.59
CA ASP B 240 -24.60 16.10 14.62
C ASP B 240 -25.22 15.13 15.63
N GLU B 241 -25.82 15.65 16.71
CA GLU B 241 -26.30 14.83 17.85
C GLU B 241 -27.50 13.99 17.42
N VAL B 242 -28.34 14.48 16.51
CA VAL B 242 -29.51 13.73 15.99
C VAL B 242 -28.99 12.49 15.24
N THR B 243 -27.98 12.68 14.37
CA THR B 243 -27.29 11.56 13.66
C THR B 243 -26.88 10.50 14.69
N LYS B 244 -26.23 10.92 15.78
CA LYS B 244 -25.72 10.03 16.87
C LYS B 244 -26.89 9.39 17.62
N GLU B 245 -28.03 10.08 17.74
CA GLU B 245 -29.25 9.51 18.38
C GLU B 245 -29.79 8.36 17.54
N ARG B 246 -29.56 8.39 16.22
CA ARG B 246 -30.05 7.35 15.28
C ARG B 246 -29.43 5.98 15.63
N ILE B 247 -28.20 5.93 16.12
CA ILE B 247 -27.59 4.63 16.53
C ILE B 247 -27.96 4.35 18.00
N HIS B 248 -27.76 5.31 18.91
CA HIS B 248 -27.87 5.10 20.39
C HIS B 248 -29.32 4.92 20.82
N ASP B 249 -30.27 5.70 20.28
CA ASP B 249 -31.71 5.69 20.68
C ASP B 249 -32.50 4.77 19.75
N HIS B 250 -32.62 5.09 18.45
CA HIS B 250 -33.09 4.10 17.44
C HIS B 250 -31.87 3.23 17.15
N LYS B 251 -32.01 1.91 17.05
CA LYS B 251 -30.83 1.03 16.87
C LYS B 251 -30.63 0.82 15.35
N GLU B 252 -30.40 1.91 14.61
CA GLU B 252 -30.24 1.86 13.13
C GLU B 252 -28.78 1.56 12.80
N LYS B 253 -28.55 0.87 11.67
CA LYS B 253 -27.20 0.49 11.19
C LYS B 253 -26.60 1.61 10.34
N PRO B 254 -25.50 2.27 10.78
CA PRO B 254 -24.85 3.31 9.98
C PRO B 254 -23.95 2.66 8.91
N GLY B 255 -23.99 3.15 7.67
CA GLY B 255 -23.26 2.53 6.54
C GLY B 255 -22.04 3.35 6.19
N ALA B 256 -22.22 4.63 5.88
CA ALA B 256 -21.12 5.45 5.36
C ALA B 256 -21.24 6.93 5.76
N LEU B 257 -20.08 7.58 5.88
CA LEU B 257 -19.91 9.00 6.21
C LEU B 257 -19.56 9.74 4.91
N TRP B 258 -20.43 10.66 4.52
CA TRP B 258 -20.28 11.56 3.35
C TRP B 258 -19.85 12.95 3.85
N HIS B 259 -19.01 13.63 3.10
CA HIS B 259 -18.89 15.11 3.12
C HIS B 259 -19.27 15.64 1.74
N ILE B 260 -20.24 16.54 1.69
CA ILE B 260 -20.79 17.11 0.42
C ILE B 260 -20.61 18.62 0.47
N TYR B 261 -20.19 19.23 -0.62
CA TYR B 261 -20.00 20.70 -0.76
C TYR B 261 -20.89 21.25 -1.87
N ALA B 262 -21.33 22.51 -1.74
CA ALA B 262 -22.12 23.25 -2.77
C ALA B 262 -21.33 23.34 -4.09
N ALA B 263 -22.00 23.14 -5.22
CA ALA B 263 -21.41 23.30 -6.57
C ALA B 263 -20.71 24.68 -6.69
N LYS B 264 -21.22 25.73 -6.03
CA LYS B 264 -20.63 27.09 -6.15
C LYS B 264 -19.31 27.24 -5.37
N ASP B 265 -18.89 26.22 -4.60
CA ASP B 265 -17.63 26.23 -3.79
C ASP B 265 -16.58 25.33 -4.43
N ALA B 266 -16.82 24.73 -5.61
CA ALA B 266 -15.85 23.81 -6.24
C ALA B 266 -14.48 24.51 -6.43
N GLU B 267 -14.48 25.76 -6.90
CA GLU B 267 -13.21 26.47 -7.32
C GLU B 267 -12.38 26.83 -6.09
N LYS B 268 -13.02 27.30 -5.00
CA LYS B 268 -12.33 27.57 -3.72
C LYS B 268 -11.63 26.29 -3.28
N ILE B 269 -12.31 25.13 -3.43
CA ILE B 269 -11.76 23.81 -3.05
C ILE B 269 -10.55 23.50 -3.95
N ARG B 270 -10.60 23.86 -5.24
CA ARG B 270 -9.47 23.63 -6.18
C ARG B 270 -8.24 24.47 -5.76
N GLU B 271 -8.45 25.74 -5.42
CA GLU B 271 -7.36 26.62 -4.94
C GLU B 271 -6.65 25.90 -3.78
N LEU B 272 -7.35 25.60 -2.68
CA LEU B 272 -6.77 24.99 -1.47
C LEU B 272 -5.89 23.79 -1.87
N LEU B 273 -6.43 22.81 -2.58
CA LEU B 273 -5.71 21.53 -2.86
C LEU B 273 -4.57 21.74 -3.89
N ARG B 274 -4.58 22.82 -4.67
CA ARG B 274 -3.41 23.21 -5.51
C ARG B 274 -2.26 23.63 -4.57
N LYS B 275 -2.55 24.53 -3.62
CA LYS B 275 -1.60 24.97 -2.57
C LYS B 275 -1.03 23.73 -1.88
N VAL B 276 -1.88 22.98 -1.16
CA VAL B 276 -1.45 21.83 -0.31
C VAL B 276 -0.59 20.86 -1.12
N GLY B 277 -0.93 20.63 -2.38
CA GLY B 277 -0.16 19.77 -3.31
C GLY B 277 1.22 20.32 -3.57
N GLU B 278 1.34 21.65 -3.69
CA GLU B 278 2.63 22.40 -3.85
C GLU B 278 3.47 22.18 -2.58
N GLU B 279 2.84 22.29 -1.39
CA GLU B 279 3.48 22.12 -0.06
C GLU B 279 3.95 20.67 0.13
N GLN B 280 3.31 19.71 -0.51
CA GLN B 280 3.67 18.27 -0.42
C GLN B 280 4.63 17.91 -1.57
N GLY B 281 5.05 18.87 -2.39
CA GLY B 281 6.12 18.67 -3.40
C GLY B 281 5.59 18.52 -4.81
N GLN B 282 4.31 18.14 -4.99
CA GLN B 282 3.71 17.91 -6.34
C GLN B 282 4.13 19.06 -7.27
N GLU B 283 4.47 18.74 -8.52
CA GLU B 283 4.76 19.73 -9.59
C GLU B 283 3.59 19.70 -10.59
N ASN B 284 2.64 20.62 -10.44
CA ASN B 284 1.40 20.71 -11.25
C ASN B 284 1.35 22.07 -11.92
N PRO B 285 0.82 22.19 -13.16
CA PRO B 285 0.47 23.51 -13.71
C PRO B 285 -0.54 24.24 -12.82
N PRO B 286 -0.77 25.56 -13.01
CA PRO B 286 -1.85 26.25 -12.29
C PRO B 286 -3.23 25.96 -12.90
N ASP B 287 -3.26 25.35 -14.09
CA ASP B 287 -4.45 24.79 -14.81
C ASP B 287 -5.10 23.69 -13.96
N HIS B 288 -4.24 22.90 -13.33
CA HIS B 288 -4.51 21.56 -12.77
C HIS B 288 -5.79 21.51 -11.92
N ASP B 289 -6.56 20.44 -12.09
CA ASP B 289 -7.91 20.28 -11.46
C ASP B 289 -7.84 19.11 -10.49
N PRO B 290 -7.59 19.38 -9.20
CA PRO B 290 -7.51 18.33 -8.19
C PRO B 290 -8.82 17.53 -7.94
N ILE B 291 -9.97 18.17 -8.16
CA ILE B 291 -11.30 17.48 -8.08
C ILE B 291 -11.37 16.50 -9.26
N HIS B 292 -11.04 16.94 -10.48
CA HIS B 292 -11.01 16.04 -11.67
C HIS B 292 -10.04 14.88 -11.41
N ASP B 293 -8.94 15.09 -10.68
CA ASP B 293 -7.94 14.02 -10.45
C ASP B 293 -8.46 12.89 -9.56
N GLN B 294 -9.43 13.17 -8.69
CA GLN B 294 -10.03 12.15 -7.76
C GLN B 294 -8.91 11.53 -6.89
N SER B 295 -7.93 12.32 -6.49
CA SER B 295 -6.72 11.85 -5.77
C SER B 295 -6.75 12.27 -4.29
N TRP B 296 -7.75 13.04 -3.84
CA TRP B 296 -7.76 13.65 -2.48
C TRP B 296 -8.90 13.09 -1.60
N TYR B 297 -8.63 12.88 -0.30
CA TYR B 297 -9.68 12.74 0.73
C TYR B 297 -9.49 13.81 1.81
N LEU B 298 -10.50 14.67 2.03
CA LEU B 298 -10.39 15.76 3.01
C LEU B 298 -10.56 15.16 4.42
N ASP B 299 -9.44 15.00 5.11
CA ASP B 299 -9.35 14.56 6.53
C ASP B 299 -9.70 15.76 7.41
N GLN B 300 -9.71 15.57 8.72
CA GLN B 300 -10.19 16.64 9.65
C GLN B 300 -9.34 17.91 9.47
N THR B 301 -8.03 17.75 9.29
CA THR B 301 -7.06 18.87 9.15
C THR B 301 -7.46 19.69 7.91
N LEU B 302 -7.61 19.02 6.76
CA LEU B 302 -7.91 19.70 5.48
C LEU B 302 -9.28 20.40 5.55
N ARG B 303 -10.27 19.76 6.21
CA ARG B 303 -11.66 20.30 6.29
C ARG B 303 -11.65 21.56 7.15
N LYS B 304 -10.96 21.53 8.29
CA LYS B 304 -10.88 22.69 9.21
C LYS B 304 -10.23 23.86 8.45
N ARG B 305 -9.12 23.59 7.78
CA ARG B 305 -8.33 24.58 7.00
C ARG B 305 -9.20 25.18 5.89
N LEU B 306 -10.00 24.35 5.19
CA LEU B 306 -10.93 24.78 4.10
C LEU B 306 -11.92 25.79 4.69
N TYR B 307 -12.48 25.53 5.86
CA TYR B 307 -13.41 26.45 6.56
C TYR B 307 -12.73 27.78 6.92
N GLU B 308 -11.61 27.68 7.66
N GLU B 308 -11.61 27.70 7.66
CA GLU B 308 -10.81 28.83 8.16
CA GLU B 308 -10.85 28.87 8.16
C GLU B 308 -10.33 29.68 6.97
C GLU B 308 -10.33 29.69 6.96
N GLU B 309 -9.53 29.08 6.08
CA GLU B 309 -8.88 29.82 4.96
C GLU B 309 -9.90 30.32 3.93
N TYR B 310 -10.95 29.57 3.57
CA TYR B 310 -11.80 29.94 2.40
C TYR B 310 -13.28 30.14 2.73
N GLY B 311 -13.72 29.94 3.98
CA GLY B 311 -15.11 30.16 4.41
C GLY B 311 -16.06 29.02 4.06
N VAL B 312 -15.57 27.90 3.50
CA VAL B 312 -16.43 26.81 2.95
C VAL B 312 -16.70 25.78 4.05
N GLN B 313 -17.97 25.48 4.31
CA GLN B 313 -18.42 24.67 5.48
C GLN B 313 -18.73 23.21 5.10
N GLY B 314 -19.62 22.96 4.13
CA GLY B 314 -19.99 21.60 3.68
C GLY B 314 -21.01 20.87 4.57
N TRP B 315 -21.50 19.71 4.13
CA TRP B 315 -22.49 18.89 4.88
C TRP B 315 -21.83 17.56 5.30
N ALA B 316 -21.83 17.21 6.59
CA ALA B 316 -21.37 15.89 7.09
C ALA B 316 -22.61 15.00 7.31
N ILE B 317 -22.74 13.93 6.56
CA ILE B 317 -23.99 13.10 6.51
C ILE B 317 -23.58 11.65 6.80
N VAL B 318 -24.26 10.99 7.74
CA VAL B 318 -24.20 9.52 7.89
C VAL B 318 -25.38 8.91 7.14
N GLN B 319 -25.09 8.07 6.15
CA GLN B 319 -26.11 7.29 5.39
C GLN B 319 -26.29 5.94 6.10
N PHE B 320 -27.47 5.72 6.69
CA PHE B 320 -27.89 4.47 7.37
C PHE B 320 -28.53 3.53 6.36
N LEU B 321 -28.75 2.27 6.73
CA LEU B 321 -29.57 1.33 5.92
C LEU B 321 -30.87 2.01 5.51
N GLY B 322 -31.18 1.98 4.21
CA GLY B 322 -32.42 2.52 3.62
C GLY B 322 -32.41 4.03 3.36
N ASP B 323 -31.31 4.75 3.63
CA ASP B 323 -31.20 6.21 3.35
C ASP B 323 -30.84 6.42 1.87
N ALA B 324 -31.66 7.22 1.18
CA ALA B 324 -31.37 7.76 -0.15
C ALA B 324 -30.78 9.17 0.01
N VAL B 325 -29.60 9.41 -0.57
CA VAL B 325 -28.91 10.74 -0.58
C VAL B 325 -28.98 11.33 -1.99
N PHE B 326 -29.58 12.52 -2.09
CA PHE B 326 -29.70 13.28 -3.35
C PHE B 326 -28.51 14.25 -3.44
N ILE B 327 -27.77 14.19 -4.55
CA ILE B 327 -26.51 14.99 -4.77
C ILE B 327 -26.68 15.85 -6.02
N PRO B 328 -26.68 17.20 -5.88
CA PRO B 328 -26.79 18.10 -7.03
C PRO B 328 -25.62 17.97 -7.99
N ALA B 329 -25.89 18.00 -9.28
CA ALA B 329 -24.82 18.06 -10.33
C ALA B 329 -23.74 19.08 -9.92
N GLY B 330 -22.47 18.67 -9.91
CA GLY B 330 -21.33 19.56 -9.69
C GLY B 330 -21.02 19.79 -8.22
N ALA B 331 -21.78 19.21 -7.29
CA ALA B 331 -21.50 19.32 -5.83
C ALA B 331 -20.36 18.36 -5.53
N PRO B 332 -19.13 18.82 -5.18
CA PRO B 332 -18.05 17.90 -4.84
C PRO B 332 -18.40 17.06 -3.61
N HIS B 333 -18.01 15.79 -3.62
CA HIS B 333 -18.29 14.89 -2.48
C HIS B 333 -17.28 13.74 -2.37
N GLN B 334 -17.20 13.20 -1.16
CA GLN B 334 -16.32 12.07 -0.78
C GLN B 334 -17.12 11.15 0.14
N VAL B 335 -16.76 9.86 0.16
CA VAL B 335 -17.49 8.80 0.92
C VAL B 335 -16.49 7.92 1.70
N HIS B 336 -16.77 7.67 2.98
CA HIS B 336 -15.95 6.79 3.86
C HIS B 336 -16.85 5.71 4.46
N ASN B 337 -16.75 4.45 3.99
CA ASN B 337 -17.55 3.31 4.52
C ASN B 337 -17.13 3.01 5.98
N LEU B 338 -18.12 2.98 6.88
CA LEU B 338 -17.95 2.72 8.32
C LEU B 338 -18.07 1.22 8.55
N TYR B 339 -19.00 0.58 7.82
CA TYR B 339 -19.18 -0.88 7.80
C TYR B 339 -19.22 -1.27 6.31
N SER B 340 -19.31 -2.57 6.01
CA SER B 340 -19.43 -3.08 4.64
C SER B 340 -20.83 -2.65 4.13
N CYS B 341 -20.88 -1.99 2.97
CA CYS B 341 -22.11 -1.41 2.36
C CYS B 341 -22.37 -1.93 0.95
N ILE B 342 -23.65 -2.15 0.62
CA ILE B 342 -24.13 -2.25 -0.78
C ILE B 342 -24.98 -1.00 -1.07
N LYS B 343 -24.53 -0.15 -2.00
CA LYS B 343 -25.26 1.06 -2.45
C LYS B 343 -25.66 0.89 -3.93
N VAL B 344 -26.79 1.47 -4.38
CA VAL B 344 -27.19 1.56 -5.81
C VAL B 344 -27.57 3.03 -6.08
N ALA B 345 -27.04 3.60 -7.16
CA ALA B 345 -27.16 5.04 -7.53
C ALA B 345 -27.74 5.14 -8.94
N GLU B 346 -28.59 6.15 -9.19
CA GLU B 346 -29.21 6.40 -10.52
C GLU B 346 -28.98 7.89 -10.82
N ASP B 347 -28.46 8.23 -12.00
CA ASP B 347 -28.29 9.62 -12.46
C ASP B 347 -29.60 10.12 -13.07
N PHE B 348 -29.84 11.44 -13.04
CA PHE B 348 -31.04 12.07 -13.66
C PHE B 348 -30.69 13.52 -13.95
N VAL B 349 -31.57 14.26 -14.65
CA VAL B 349 -31.38 15.71 -14.95
C VAL B 349 -32.63 16.47 -14.55
N SER B 350 -32.55 17.24 -13.48
CA SER B 350 -33.65 18.13 -13.05
C SER B 350 -33.64 19.44 -13.83
N PRO B 351 -34.82 20.04 -14.11
CA PRO B 351 -34.93 21.38 -14.68
C PRO B 351 -34.14 22.45 -13.91
N GLU B 352 -34.15 22.36 -12.58
CA GLU B 352 -33.48 23.31 -11.66
C GLU B 352 -31.97 23.38 -11.95
N HIS B 353 -31.36 22.28 -12.42
CA HIS B 353 -29.89 22.17 -12.55
C HIS B 353 -29.47 22.01 -14.03
N VAL B 354 -30.34 22.22 -15.00
CA VAL B 354 -29.98 21.94 -16.43
C VAL B 354 -28.87 22.90 -16.90
N LYS B 355 -28.82 24.14 -16.44
CA LYS B 355 -27.70 25.06 -16.85
C LYS B 355 -26.36 24.49 -16.35
N HIS B 356 -26.28 24.06 -15.09
CA HIS B 356 -25.06 23.44 -14.52
C HIS B 356 -24.65 22.22 -15.35
N CYS B 357 -25.61 21.35 -15.69
CA CYS B 357 -25.38 20.08 -16.43
C CYS B 357 -24.71 20.39 -17.79
N PHE B 358 -25.14 21.48 -18.45
CA PHE B 358 -24.53 21.92 -19.75
C PHE B 358 -23.05 22.30 -19.53
N ARG B 359 -22.77 23.11 -18.50
CA ARG B 359 -21.42 23.68 -18.21
C ARG B 359 -20.48 22.55 -17.76
N LEU B 360 -20.95 21.66 -16.87
CA LEU B 360 -20.13 20.52 -16.39
C LEU B 360 -19.79 19.57 -17.52
N THR B 361 -20.74 19.34 -18.45
CA THR B 361 -20.52 18.46 -19.64
C THR B 361 -19.40 19.06 -20.51
N GLN B 362 -19.50 20.36 -20.80
CA GLN B 362 -18.51 21.17 -21.57
C GLN B 362 -17.12 20.98 -20.93
N GLU B 363 -17.01 21.23 -19.62
CA GLU B 363 -15.74 21.21 -18.86
C GLU B 363 -15.21 19.76 -18.83
N PHE B 364 -16.08 18.75 -18.66
CA PHE B 364 -15.64 17.33 -18.71
C PHE B 364 -14.97 17.09 -20.06
N ARG B 365 -15.60 17.46 -21.19
CA ARG B 365 -15.04 17.27 -22.56
C ARG B 365 -13.68 18.00 -22.71
N HIS B 366 -13.53 19.21 -22.18
CA HIS B 366 -12.26 20.00 -22.27
C HIS B 366 -11.13 19.28 -21.49
N LEU B 367 -11.39 18.88 -20.26
CA LEU B 367 -10.45 18.15 -19.37
C LEU B 367 -10.08 16.80 -19.98
N SER B 368 -10.85 16.28 -20.94
CA SER B 368 -10.61 14.94 -21.55
C SER B 368 -9.63 15.02 -22.73
N ASN B 369 -9.28 16.23 -23.23
CA ASN B 369 -8.24 16.41 -24.28
C ASN B 369 -7.43 17.69 -24.03
#